data_4MVY
#
_entry.id   4MVY
#
_cell.length_a   88.236
_cell.length_b   105.995
_cell.length_c   206.166
_cell.angle_alpha   90.000
_cell.angle_beta   90.000
_cell.angle_gamma   90.000
#
_symmetry.space_group_name_H-M   'P 21 21 21'
#
loop_
_entity.id
_entity.type
_entity.pdbx_description
1 polymer 'Methionyl-tRNA synthetase'
2 non-polymer GLYCEROL
3 non-polymer 'DIMETHYL SULFOXIDE'
4 non-polymer METHIONINE
5 non-polymer 1-{3-[(3,5-dichlorobenzyl)amino]propyl}-3-(3-hydroxyphenyl)urea
6 water water
#
_entity_poly.entity_id   1
_entity_poly.type   'polypeptide(L)'
_entity_poly.pdbx_seq_one_letter_code
;GPGSMKVEKVFFVTSPIYYVNAAPHIGHVYSTLITDVIGRYHRVKGERVFALTGTDEHGQKVAEAAKQKQVSPYDFTTAV
AGEFKKCFEQMDYSIDYFIRTTNEQHKAVVKELWTKLEQKGDIYLGRYEGWYSISDESFLTPQNITDGVDKDGNPCKVSL
ESGHVVTWVSEENYMFRLSAFRERLLEWYHANPGCIVPEFRRREVIRAVEKGLPDLSVSRARATLHNWAIPVPGNPDH
(CAS)VYVWLDALTNYLTGSRLRVDESGKEVSLVDDFNELERFPADVHVIGKDILKFHAIYWPAFLLSAGLPLPKKIVAH
GWWTKDRKKISKSLGNVFDPVEKAEEFGYDALKYFLLRESGFSDDGDYSDKNMIARLNGELADTLGNLVMRCTSAKINVN
GEWPSPAAYTEEDESLIQLIKDLPGTADHYYLIPDIQKAIIAVFDVLRAINAYVTDMAPWKLVKTDPERLRTVLYITLEG
VRVTTLLLSPILPRKSVVIFDMLGVPEVHRKGIENFEFGAVPPGTRLGPAVEGEVLFSKRSTENTKST
;
_entity_poly.pdbx_strand_id   A,B
#
# COMPACT_ATOMS: atom_id res chain seq x y z
N VAL A 7 22.98 21.16 8.43
CA VAL A 7 22.57 22.58 8.64
C VAL A 7 21.21 22.67 9.34
N GLU A 8 21.24 22.97 10.64
CA GLU A 8 20.03 23.29 11.40
C GLU A 8 19.68 24.77 11.17
N LYS A 9 18.42 24.99 10.85
CA LYS A 9 18.02 26.14 10.09
C LYS A 9 16.54 26.32 10.30
N VAL A 10 15.99 27.49 10.01
CA VAL A 10 14.53 27.62 10.00
C VAL A 10 14.03 27.09 8.65
N PHE A 11 13.12 26.12 8.69
CA PHE A 11 12.55 25.63 7.44
C PHE A 11 11.71 26.75 6.82
N PHE A 12 12.08 27.14 5.61
CA PHE A 12 11.52 28.32 4.94
C PHE A 12 10.74 27.88 3.70
N VAL A 13 9.43 28.07 3.74
CA VAL A 13 8.56 27.70 2.66
C VAL A 13 7.71 28.89 2.23
N THR A 14 7.55 29.05 0.92
CA THR A 14 6.90 30.24 0.34
C THR A 14 5.83 29.85 -0.66
N SER A 15 4.85 30.74 -0.82
CA SER A 15 3.92 30.71 -1.93
C SER A 15 4.31 31.83 -2.90
N PRO A 16 3.77 31.80 -4.12
CA PRO A 16 3.96 33.00 -4.92
C PRO A 16 3.31 34.20 -4.21
N ILE A 17 3.71 35.41 -4.58
CA ILE A 17 2.98 36.60 -4.15
C ILE A 17 2.12 37.01 -5.33
N TYR A 18 0.84 37.25 -5.09
CA TYR A 18 -0.15 37.30 -6.16
C TYR A 18 -0.45 38.71 -6.64
N TYR A 19 -0.66 38.86 -7.96
CA TYR A 19 -1.11 40.15 -8.50
C TYR A 19 -2.43 40.55 -7.87
N VAL A 20 -2.61 41.85 -7.64
CA VAL A 20 -3.83 42.34 -6.97
C VAL A 20 -4.72 43.11 -7.94
N ASN A 21 -4.72 42.65 -9.19
CA ASN A 21 -5.59 43.20 -10.23
C ASN A 21 -7.04 42.73 -10.08
N ALA A 22 -7.22 41.63 -9.36
CA ALA A 22 -8.57 41.09 -9.11
C ALA A 22 -8.63 40.35 -7.77
N ALA A 23 -9.86 40.06 -7.36
CA ALA A 23 -10.15 39.41 -6.09
C ALA A 23 -9.52 38.03 -6.02
N PRO A 24 -9.20 37.56 -4.81
CA PRO A 24 -8.62 36.21 -4.69
C PRO A 24 -9.59 35.10 -5.15
N HIS A 25 -9.04 34.06 -5.76
CA HIS A 25 -9.81 32.95 -6.26
C HIS A 25 -9.05 31.64 -5.98
N ILE A 26 -9.62 30.53 -6.45
CA ILE A 26 -9.13 29.18 -6.13
C ILE A 26 -7.64 28.98 -6.36
N GLY A 27 -7.10 29.51 -7.45
CA GLY A 27 -5.68 29.34 -7.73
C GLY A 27 -4.77 29.84 -6.62
N HIS A 28 -5.10 31.01 -6.08
CA HIS A 28 -4.32 31.61 -4.98
C HIS A 28 -4.49 30.79 -3.71
N VAL A 29 -5.73 30.38 -3.46
CA VAL A 29 -6.06 29.59 -2.27
C VAL A 29 -5.32 28.24 -2.28
N TYR A 30 -5.27 27.59 -3.45
CA TYR A 30 -4.58 26.32 -3.62
C TYR A 30 -3.09 26.43 -3.33
N SER A 31 -2.43 27.37 -4.01
CA SER A 31 -1.01 27.60 -3.82
C SER A 31 -0.66 27.84 -2.37
N THR A 32 -1.43 28.69 -1.71
CA THR A 32 -1.14 29.04 -0.33
C THR A 32 -1.46 27.83 0.58
N LEU A 33 -2.49 27.07 0.24
CA LEU A 33 -2.77 25.82 0.95
C LEU A 33 -1.57 24.88 0.98
N ILE A 34 -0.97 24.66 -0.19
CA ILE A 34 0.17 23.77 -0.32
C ILE A 34 1.32 24.26 0.53
N THR A 35 1.61 25.56 0.41
CA THR A 35 2.60 26.19 1.26
C THR A 35 2.29 25.94 2.74
N ASP A 36 1.03 26.12 3.11
CA ASP A 36 0.61 25.95 4.50
C ASP A 36 0.78 24.52 5.00
N VAL A 37 0.41 23.57 4.17
CA VAL A 37 0.51 22.15 4.53
C VAL A 37 1.98 21.74 4.76
N ILE A 38 2.85 22.13 3.84
CA ILE A 38 4.27 21.86 3.97
C ILE A 38 4.81 22.45 5.28
N GLY A 39 4.48 23.73 5.53
CA GLY A 39 4.85 24.37 6.77
C GLY A 39 4.34 23.62 8.00
N ARG A 40 3.08 23.22 7.96
CA ARG A 40 2.48 22.55 9.13
C ARG A 40 3.17 21.23 9.40
N TYR A 41 3.47 20.49 8.34
CA TYR A 41 4.10 19.18 8.53
C TYR A 41 5.44 19.32 9.27
N HIS A 42 6.25 20.30 8.88
CA HIS A 42 7.53 20.52 9.54
C HIS A 42 7.38 21.00 10.97
N ARG A 43 6.34 21.77 11.28
CA ARG A 43 6.10 22.15 12.66
C ARG A 43 5.77 20.92 13.48
N VAL A 44 4.98 19.97 12.92
CA VAL A 44 4.64 18.77 13.70
C VAL A 44 5.85 17.85 13.89
N LYS A 45 6.80 17.89 12.95
CA LYS A 45 8.11 17.28 13.19
C LYS A 45 8.94 17.97 14.31
N GLY A 46 8.47 19.13 14.79
CA GLY A 46 9.15 19.88 15.83
C GLY A 46 10.20 20.86 15.32
N GLU A 47 10.16 21.19 14.04
CA GLU A 47 11.13 22.09 13.45
C GLU A 47 10.67 23.54 13.51
N ARG A 48 11.61 24.48 13.52
CA ARG A 48 11.31 25.88 13.31
C ARG A 48 10.87 26.09 11.86
N VAL A 49 9.76 26.81 11.68
CA VAL A 49 9.22 27.06 10.33
C VAL A 49 8.91 28.54 10.12
N PHE A 50 9.15 29.03 8.93
CA PHE A 50 8.67 30.34 8.52
C PHE A 50 8.00 30.18 7.19
N ALA A 51 6.69 30.40 7.16
CA ALA A 51 5.89 30.24 5.95
C ALA A 51 5.43 31.61 5.48
N LEU A 52 5.63 31.86 4.20
CA LEU A 52 5.49 33.20 3.64
C LEU A 52 4.51 33.18 2.49
N THR A 53 3.65 34.19 2.45
CA THR A 53 2.77 34.43 1.30
C THR A 53 2.62 35.94 1.14
N GLY A 54 1.94 36.38 0.08
CA GLY A 54 1.63 37.79 -0.04
C GLY A 54 1.12 38.26 -1.40
N THR A 55 1.31 39.55 -1.67
CA THR A 55 0.77 40.20 -2.84
C THR A 55 1.83 40.96 -3.60
N ASP A 56 1.72 40.91 -4.92
CA ASP A 56 2.63 41.52 -5.89
C ASP A 56 1.86 42.73 -6.41
N GLU A 57 2.26 43.93 -6.04
CA GLU A 57 1.37 45.09 -6.14
C GLU A 57 1.79 46.16 -7.14
N HIS A 58 2.95 46.02 -7.73
CA HIS A 58 3.43 46.98 -8.71
C HIS A 58 3.16 46.49 -10.11
N GLY A 59 3.53 47.33 -11.08
CA GLY A 59 3.52 46.95 -12.48
C GLY A 59 2.37 47.53 -13.26
N GLN A 60 2.48 47.40 -14.57
CA GLN A 60 1.51 47.95 -15.51
C GLN A 60 0.16 47.25 -15.38
N LYS A 61 0.22 45.94 -15.22
CA LYS A 61 -0.96 45.11 -15.04
C LYS A 61 -1.80 45.70 -13.91
N VAL A 62 -1.23 45.74 -12.71
CA VAL A 62 -1.92 46.25 -11.52
C VAL A 62 -2.38 47.69 -11.68
N ALA A 63 -1.50 48.57 -12.16
CA ALA A 63 -1.84 49.99 -12.31
C ALA A 63 -2.93 50.24 -13.33
N GLU A 64 -2.99 49.40 -14.36
CA GLU A 64 -4.03 49.55 -15.38
C GLU A 64 -5.34 48.97 -14.88
N ALA A 65 -5.27 47.94 -14.05
CA ALA A 65 -6.47 47.45 -13.36
C ALA A 65 -7.05 48.54 -12.42
N ALA A 66 -6.17 49.26 -11.75
CA ALA A 66 -6.57 50.35 -10.84
C ALA A 66 -7.26 51.46 -11.61
N LYS A 67 -6.77 51.72 -12.83
CA LYS A 67 -7.31 52.79 -13.65
C LYS A 67 -8.71 52.44 -14.20
N GLN A 68 -8.90 51.17 -14.55
CA GLN A 68 -10.20 50.68 -15.03
C GLN A 68 -11.28 50.91 -13.99
N LYS A 69 -10.93 50.69 -12.72
CA LYS A 69 -11.80 50.99 -11.59
C LYS A 69 -11.78 52.47 -11.17
N GLN A 70 -11.01 53.30 -11.87
CA GLN A 70 -10.97 54.74 -11.61
C GLN A 70 -10.70 55.05 -10.13
N VAL A 71 -9.53 54.62 -9.66
CA VAL A 71 -9.13 54.76 -8.25
C VAL A 71 -7.60 54.84 -8.21
N SER A 72 -7.04 55.48 -7.19
CA SER A 72 -5.57 55.55 -7.05
C SER A 72 -4.95 54.17 -6.84
N PRO A 73 -3.74 53.96 -7.38
CA PRO A 73 -3.09 52.67 -7.17
C PRO A 73 -2.84 52.34 -5.70
N TYR A 74 -2.60 53.36 -4.87
CA TYR A 74 -2.38 53.17 -3.45
C TYR A 74 -3.63 52.58 -2.80
N ASP A 75 -4.79 53.19 -3.08
CA ASP A 75 -6.05 52.73 -2.52
C ASP A 75 -6.49 51.38 -3.10
N PHE A 76 -6.32 51.21 -4.42
CA PHE A 76 -6.70 49.97 -5.08
C PHE A 76 -5.95 48.77 -4.51
N THR A 77 -4.62 48.85 -4.48
CA THR A 77 -3.79 47.76 -3.97
C THR A 77 -4.05 47.48 -2.52
N THR A 78 -4.24 48.52 -1.72
CA THR A 78 -4.52 48.32 -0.30
C THR A 78 -5.83 47.55 -0.09
N ALA A 79 -6.87 47.93 -0.82
CA ALA A 79 -8.16 47.24 -0.72
C ALA A 79 -8.03 45.76 -1.10
N VAL A 80 -7.42 45.49 -2.26
CA VAL A 80 -7.38 44.15 -2.79
C VAL A 80 -6.46 43.27 -1.95
N ALA A 81 -5.33 43.83 -1.53
CA ALA A 81 -4.49 43.14 -0.56
C ALA A 81 -5.30 42.76 0.69
N GLY A 82 -6.13 43.68 1.16
CA GLY A 82 -7.08 43.39 2.24
C GLY A 82 -8.04 42.23 1.96
N GLU A 83 -8.49 42.10 0.71
CA GLU A 83 -9.34 40.97 0.32
C GLU A 83 -8.56 39.67 0.38
N PHE A 84 -7.29 39.70 -0.01
CA PHE A 84 -6.46 38.51 0.09
C PHE A 84 -6.23 38.09 1.55
N LYS A 85 -5.93 39.05 2.42
CA LYS A 85 -5.67 38.76 3.83
C LYS A 85 -6.88 38.14 4.49
N LYS A 86 -8.04 38.74 4.24
CA LYS A 86 -9.30 38.26 4.77
C LYS A 86 -9.60 36.84 4.31
N CYS A 87 -9.39 36.58 3.02
CA CYS A 87 -9.64 35.28 2.44
C CYS A 87 -8.75 34.21 3.08
N PHE A 88 -7.47 34.51 3.26
CA PHE A 88 -6.57 33.56 3.89
C PHE A 88 -6.88 33.38 5.37
N GLU A 89 -7.31 34.43 6.06
CA GLU A 89 -7.73 34.29 7.45
C GLU A 89 -8.95 33.37 7.52
N GLN A 90 -9.88 33.53 6.58
CA GLN A 90 -11.07 32.72 6.54
C GLN A 90 -10.73 31.25 6.23
N MET A 91 -9.70 31.04 5.44
CA MET A 91 -9.27 29.69 5.07
C MET A 91 -8.54 28.98 6.18
N ASP A 92 -8.19 29.72 7.22
CA ASP A 92 -7.64 29.11 8.44
C ASP A 92 -6.28 28.47 8.15
N TYR A 93 -5.42 29.24 7.50
CA TYR A 93 -4.05 28.84 7.29
C TYR A 93 -3.22 29.21 8.51
N SER A 94 -1.98 28.73 8.56
CA SER A 94 -1.05 29.11 9.61
C SER A 94 0.21 29.67 8.98
N ILE A 95 0.04 30.74 8.21
CA ILE A 95 1.14 31.43 7.54
C ILE A 95 1.80 32.43 8.49
N ASP A 96 3.11 32.54 8.46
CA ASP A 96 3.81 33.38 9.46
C ASP A 96 3.91 34.85 9.08
N TYR A 97 3.88 35.15 7.79
CA TYR A 97 3.90 36.53 7.38
C TYR A 97 3.26 36.72 6.01
N PHE A 98 2.55 37.82 5.87
CA PHE A 98 1.94 38.22 4.62
C PHE A 98 2.68 39.47 4.11
N ILE A 99 3.43 39.32 3.01
CA ILE A 99 4.25 40.41 2.50
C ILE A 99 3.59 41.13 1.33
N ARG A 100 3.81 42.43 1.29
CA ARG A 100 3.31 43.29 0.23
C ARG A 100 4.50 44.00 -0.41
N THR A 101 4.57 44.03 -1.73
CA THR A 101 5.71 44.64 -2.41
C THR A 101 5.73 46.18 -2.34
N THR A 102 4.64 46.79 -1.86
CA THR A 102 4.63 48.22 -1.58
C THR A 102 5.29 48.55 -0.23
N ASN A 103 5.60 47.52 0.56
CA ASN A 103 6.33 47.69 1.81
C ASN A 103 7.66 48.42 1.63
N GLU A 104 7.91 49.40 2.47
CA GLU A 104 9.09 50.24 2.37
C GLU A 104 10.39 49.46 2.56
N GLN A 105 10.38 48.45 3.44
CA GLN A 105 11.56 47.60 3.66
C GLN A 105 11.82 46.66 2.49
N HIS A 106 10.76 46.20 1.83
CA HIS A 106 10.94 45.46 0.58
C HIS A 106 11.67 46.31 -0.48
N LYS A 107 11.30 47.57 -0.61
CA LYS A 107 11.92 48.43 -1.60
C LYS A 107 13.41 48.58 -1.36
N ALA A 108 13.82 48.75 -0.10
CA ALA A 108 15.24 48.82 0.25
C ALA A 108 16.00 47.57 -0.19
N VAL A 109 15.41 46.41 0.03
CA VAL A 109 16.06 45.14 -0.33
C VAL A 109 16.19 45.00 -1.85
N VAL A 110 15.15 45.39 -2.60
CA VAL A 110 15.22 45.39 -4.05
C VAL A 110 16.36 46.29 -4.54
N LYS A 111 16.46 47.48 -3.99
CA LYS A 111 17.53 48.40 -4.37
C LYS A 111 18.93 47.83 -4.08
N GLU A 112 19.02 47.17 -2.94
CA GLU A 112 20.24 46.54 -2.50
C GLU A 112 20.61 45.41 -3.47
N LEU A 113 19.65 44.59 -3.84
CA LEU A 113 19.95 43.50 -4.77
C LEU A 113 20.33 44.03 -6.16
N TRP A 114 19.62 45.04 -6.64
CA TRP A 114 19.94 45.63 -7.91
C TRP A 114 21.38 46.11 -7.97
N THR A 115 21.80 46.78 -6.89
CA THR A 115 23.12 47.37 -6.80
C THR A 115 24.18 46.27 -6.81
N LYS A 116 23.90 45.16 -6.13
CA LYS A 116 24.76 43.97 -6.18
C LYS A 116 24.95 43.46 -7.59
N LEU A 117 23.85 43.25 -8.30
CA LEU A 117 23.89 42.77 -9.68
C LEU A 117 24.72 43.73 -10.54
N GLU A 118 24.53 45.02 -10.33
CA GLU A 118 25.18 46.04 -11.12
C GLU A 118 26.68 46.06 -10.82
N GLN A 119 27.03 46.01 -9.54
CA GLN A 119 28.44 45.97 -9.13
C GLN A 119 29.17 44.70 -9.57
N LYS A 120 28.44 43.61 -9.71
CA LYS A 120 28.94 42.36 -10.25
C LYS A 120 29.23 42.46 -11.76
N GLY A 121 28.66 43.46 -12.42
CA GLY A 121 28.92 43.70 -13.84
C GLY A 121 27.90 43.05 -14.73
N ASP A 122 26.79 42.57 -14.15
CA ASP A 122 25.77 41.81 -14.89
C ASP A 122 24.57 42.64 -15.36
N ILE A 123 24.63 43.96 -15.20
CA ILE A 123 23.57 44.82 -15.71
C ILE A 123 24.15 45.90 -16.59
N TYR A 124 23.62 46.04 -17.79
CA TYR A 124 24.09 47.07 -18.74
C TYR A 124 22.89 47.73 -19.41
N LEU A 125 23.10 48.92 -19.93
CA LEU A 125 22.06 49.63 -20.63
C LEU A 125 21.97 49.08 -22.04
N GLY A 126 20.81 48.56 -22.41
CA GLY A 126 20.59 48.02 -23.75
C GLY A 126 19.22 48.39 -24.28
N ARG A 127 18.68 47.52 -25.14
CA ARG A 127 17.34 47.65 -25.71
C ARG A 127 16.63 46.32 -25.70
N TYR A 128 15.33 46.36 -25.49
CA TYR A 128 14.46 45.26 -25.81
C TYR A 128 13.52 45.70 -26.92
N GLU A 129 13.48 44.92 -27.99
CA GLU A 129 12.55 45.12 -29.08
C GLU A 129 11.90 43.78 -29.32
N GLY A 130 10.66 43.62 -28.89
CA GLY A 130 10.01 42.32 -28.95
C GLY A 130 8.65 42.28 -28.30
N TRP A 131 8.04 41.11 -28.28
CA TRP A 131 6.72 40.96 -27.73
C TRP A 131 6.74 40.93 -26.20
N TYR A 132 5.64 41.37 -25.62
CA TYR A 132 5.43 41.39 -24.17
C TYR A 132 3.95 41.15 -23.86
N SER A 133 3.71 40.32 -22.84
CA SER A 133 2.37 40.10 -22.31
C SER A 133 2.24 40.87 -21.02
N ILE A 134 1.47 41.95 -21.06
CA ILE A 134 1.29 42.79 -19.86
C ILE A 134 0.67 41.97 -18.73
N SER A 135 -0.29 41.13 -19.09
CA SER A 135 -1.05 40.35 -18.11
C SER A 135 -0.23 39.27 -17.38
N ASP A 136 0.77 38.74 -18.06
CA ASP A 136 1.72 37.82 -17.44
C ASP A 136 3.02 38.55 -17.03
N GLU A 137 3.12 39.83 -17.37
CA GLU A 137 4.35 40.63 -17.23
C GLU A 137 5.57 39.87 -17.78
N SER A 138 5.43 39.35 -18.99
CA SER A 138 6.37 38.38 -19.53
C SER A 138 6.83 38.74 -20.94
N PHE A 139 8.14 38.62 -21.14
CA PHE A 139 8.75 38.80 -22.45
C PHE A 139 8.62 37.50 -23.21
N LEU A 140 8.22 37.60 -24.46
CA LEU A 140 8.00 36.45 -25.33
C LEU A 140 8.72 36.60 -26.68
N THR A 141 9.18 35.48 -27.23
CA THR A 141 9.78 35.43 -28.55
C THR A 141 8.65 35.21 -29.55
N PRO A 142 8.92 35.45 -30.85
CA PRO A 142 7.86 35.26 -31.86
C PRO A 142 7.29 33.83 -31.88
N GLN A 143 8.09 32.86 -31.43
CA GLN A 143 7.68 31.45 -31.42
C GLN A 143 6.66 31.20 -30.32
N ASN A 144 6.49 32.16 -29.42
CA ASN A 144 5.56 32.01 -28.30
C ASN A 144 4.33 32.90 -28.36
N ILE A 145 4.02 33.38 -29.56
CA ILE A 145 2.79 34.11 -29.80
C ILE A 145 2.10 33.51 -31.01
N THR A 146 0.82 33.82 -31.16
CA THR A 146 0.07 33.40 -32.32
C THR A 146 -1.06 34.38 -32.51
N ASP A 147 -1.89 34.14 -33.52
CA ASP A 147 -3.03 35.01 -33.79
C ASP A 147 -4.20 34.72 -32.86
N GLY A 148 -4.96 35.77 -32.58
CA GLY A 148 -6.12 35.68 -31.71
C GLY A 148 -6.96 36.94 -31.80
N VAL A 149 -7.90 37.07 -30.88
CA VAL A 149 -8.88 38.14 -30.91
C VAL A 149 -8.83 38.95 -29.62
N ASP A 150 -9.03 40.26 -29.73
CA ASP A 150 -8.96 41.16 -28.56
C ASP A 150 -10.36 41.44 -28.00
N LYS A 151 -10.40 42.14 -26.87
CA LYS A 151 -11.65 42.46 -26.17
C LYS A 151 -12.73 43.13 -27.06
N ASP A 152 -12.33 43.69 -28.19
CA ASP A 152 -13.26 44.27 -29.18
C ASP A 152 -13.69 43.30 -30.28
N GLY A 153 -13.10 42.11 -30.33
CA GLY A 153 -13.34 41.16 -31.41
C GLY A 153 -12.50 41.42 -32.67
N ASN A 154 -11.40 42.16 -32.52
CA ASN A 154 -10.51 42.47 -33.64
C ASN A 154 -9.25 41.58 -33.63
N PRO A 155 -8.62 41.42 -34.81
CA PRO A 155 -7.41 40.59 -34.88
C PRO A 155 -6.28 41.19 -34.06
N CYS A 156 -5.53 40.34 -33.37
CA CYS A 156 -4.37 40.79 -32.60
C CYS A 156 -3.45 39.60 -32.44
N LYS A 157 -2.38 39.78 -31.67
CA LYS A 157 -1.54 38.67 -31.30
C LYS A 157 -1.77 38.34 -29.84
N VAL A 158 -1.60 37.06 -29.50
CA VAL A 158 -1.76 36.60 -28.13
C VAL A 158 -0.66 35.61 -27.77
N SER A 159 -0.42 35.48 -26.47
CA SER A 159 0.54 34.54 -25.94
C SER A 159 0.10 33.11 -26.22
N LEU A 160 1.02 32.26 -26.67
CA LEU A 160 0.73 30.82 -26.80
C LEU A 160 0.58 30.17 -25.43
N GLU A 161 1.32 30.66 -24.44
CA GLU A 161 1.28 30.09 -23.10
C GLU A 161 0.02 30.48 -22.31
N SER A 162 -0.46 31.71 -22.46
CA SER A 162 -1.57 32.16 -21.62
C SER A 162 -2.81 32.60 -22.37
N GLY A 163 -2.70 32.91 -23.66
CA GLY A 163 -3.83 33.40 -24.43
C GLY A 163 -4.13 34.89 -24.29
N HIS A 164 -3.43 35.59 -23.38
CA HIS A 164 -3.64 37.03 -23.23
C HIS A 164 -2.99 37.81 -24.37
N VAL A 165 -3.47 39.04 -24.56
CA VAL A 165 -2.98 39.91 -25.62
C VAL A 165 -1.51 40.30 -25.43
N VAL A 166 -0.74 40.25 -26.51
CA VAL A 166 0.66 40.72 -26.49
C VAL A 166 0.80 42.01 -27.27
N THR A 167 1.79 42.80 -26.86
CA THR A 167 2.12 44.07 -27.47
C THR A 167 3.61 44.12 -27.79
N TRP A 168 3.95 44.86 -28.82
CA TRP A 168 5.33 45.02 -29.22
C TRP A 168 5.96 46.16 -28.44
N VAL A 169 7.07 45.87 -27.77
CA VAL A 169 7.78 46.85 -26.97
C VAL A 169 9.10 47.14 -27.64
N SER A 170 9.45 48.42 -27.72
CA SER A 170 10.77 48.85 -28.22
C SER A 170 11.25 49.98 -27.33
N GLU A 171 12.20 49.67 -26.46
CA GLU A 171 12.58 50.57 -25.36
C GLU A 171 14.01 50.37 -24.98
N GLU A 172 14.68 51.48 -24.71
CA GLU A 172 15.96 51.42 -24.05
C GLU A 172 15.74 50.95 -22.60
N ASN A 173 16.32 49.79 -22.25
CA ASN A 173 16.11 49.15 -20.95
C ASN A 173 17.43 48.69 -20.37
N TYR A 174 17.54 48.66 -19.05
CA TYR A 174 18.66 47.98 -18.40
C TYR A 174 18.47 46.48 -18.58
N MET A 175 19.54 45.79 -18.96
CA MET A 175 19.50 44.37 -19.28
C MET A 175 20.37 43.58 -18.30
N PHE A 176 19.84 42.46 -17.82
CA PHE A 176 20.60 41.53 -16.99
C PHE A 176 21.23 40.47 -17.90
N ARG A 177 22.51 40.15 -17.69
CA ARG A 177 23.25 39.24 -18.59
C ARG A 177 22.90 37.78 -18.37
N LEU A 178 21.63 37.45 -18.59
CA LEU A 178 21.13 36.11 -18.31
C LEU A 178 21.83 35.05 -19.17
N SER A 179 22.16 35.42 -20.39
CA SER A 179 22.88 34.54 -21.32
C SER A 179 24.18 33.99 -20.74
N ALA A 180 24.83 34.74 -19.86
CA ALA A 180 26.10 34.31 -19.27
C ALA A 180 25.96 33.28 -18.15
N PHE A 181 24.72 32.96 -17.78
CA PHE A 181 24.42 32.04 -16.68
C PHE A 181 23.96 30.66 -17.14
N ARG A 182 23.95 30.43 -18.44
CA ARG A 182 23.54 29.14 -18.98
C ARG A 182 24.27 27.98 -18.32
N GLU A 183 25.59 28.01 -18.38
CA GLU A 183 26.42 26.89 -17.94
C GLU A 183 26.28 26.64 -16.43
N ARG A 184 26.26 27.70 -15.64
CA ARG A 184 26.06 27.54 -14.19
C ARG A 184 24.66 27.04 -13.82
N LEU A 185 23.65 27.46 -14.57
CA LEU A 185 22.29 26.96 -14.33
C LEU A 185 22.21 25.46 -14.64
N LEU A 186 22.79 25.05 -15.76
CA LEU A 186 22.84 23.62 -16.08
C LEU A 186 23.60 22.81 -15.02
N GLU A 187 24.71 23.34 -14.52
CA GLU A 187 25.44 22.67 -13.43
C GLU A 187 24.54 22.50 -12.21
N TRP A 188 23.77 23.53 -11.90
CA TRP A 188 22.89 23.51 -10.75
C TRP A 188 21.79 22.44 -10.86
N TYR A 189 21.10 22.41 -12.01
CA TYR A 189 20.06 21.41 -12.26
C TYR A 189 20.61 19.99 -12.16
N HIS A 190 21.77 19.76 -12.78
CA HIS A 190 22.39 18.44 -12.83
CA HIS A 190 22.31 18.42 -12.81
C HIS A 190 22.86 17.97 -11.45
N ALA A 191 23.36 18.92 -10.65
CA ALA A 191 23.93 18.58 -9.34
C ALA A 191 22.84 18.36 -8.31
N ASN A 192 21.66 18.93 -8.55
CA ASN A 192 20.54 18.79 -7.64
C ASN A 192 19.31 18.34 -8.43
N PRO A 193 19.26 17.05 -8.79
CA PRO A 193 18.19 16.57 -9.65
C PRO A 193 16.86 16.39 -8.92
N GLY A 194 16.78 16.83 -7.66
CA GLY A 194 15.53 16.90 -6.93
C GLY A 194 15.03 18.33 -6.77
N CYS A 195 15.73 19.30 -7.37
CA CYS A 195 15.49 20.71 -7.09
C CYS A 195 14.24 21.29 -7.78
N ILE A 196 13.71 20.59 -8.78
CA ILE A 196 12.46 21.00 -9.41
C ILE A 196 11.55 19.79 -9.48
N VAL A 197 10.32 19.96 -8.98
CA VAL A 197 9.30 18.93 -8.90
C VAL A 197 8.02 19.45 -9.56
N PRO A 198 7.31 18.60 -10.31
CA PRO A 198 7.60 17.22 -10.64
C PRO A 198 8.65 17.11 -11.72
N GLU A 199 9.10 15.89 -11.95
CA GLU A 199 10.26 15.63 -12.77
C GLU A 199 10.11 16.14 -14.20
N PHE A 200 8.93 16.00 -14.80
CA PHE A 200 8.79 16.42 -16.20
C PHE A 200 8.95 17.92 -16.36
N ARG A 201 8.62 18.70 -15.32
CA ARG A 201 8.86 20.15 -15.35
C ARG A 201 10.33 20.49 -15.20
N ARG A 202 11.05 19.71 -14.41
CA ARG A 202 12.49 19.80 -14.37
C ARG A 202 13.11 19.61 -15.75
N ARG A 203 12.70 18.56 -16.44
CA ARG A 203 13.18 18.29 -17.78
C ARG A 203 12.84 19.45 -18.73
N GLU A 204 11.66 20.04 -18.58
CA GLU A 204 11.25 21.18 -19.40
C GLU A 204 12.22 22.35 -19.21
N VAL A 205 12.55 22.65 -17.96
CA VAL A 205 13.46 23.73 -17.66
C VAL A 205 14.83 23.47 -18.28
N ILE A 206 15.37 22.28 -18.10
CA ILE A 206 16.70 21.95 -18.63
C ILE A 206 16.73 22.08 -20.15
N ARG A 207 15.73 21.52 -20.84
CA ARG A 207 15.66 21.62 -22.31
C ARG A 207 15.66 23.07 -22.77
N ALA A 208 14.92 23.92 -22.07
CA ALA A 208 14.83 25.32 -22.46
C ALA A 208 16.16 26.03 -22.29
N VAL A 209 16.86 25.76 -21.20
CA VAL A 209 18.12 26.42 -20.90
C VAL A 209 19.23 25.88 -21.80
N GLU A 210 19.19 24.59 -22.12
CA GLU A 210 20.13 24.00 -23.08
C GLU A 210 20.15 24.75 -24.40
N LYS A 211 18.97 25.16 -24.88
CA LYS A 211 18.82 25.83 -26.17
C LYS A 211 19.54 27.19 -26.23
N GLY A 212 19.70 27.83 -25.08
CA GLY A 212 20.38 29.12 -25.01
C GLY A 212 19.43 30.11 -24.36
N LEU A 213 19.98 31.12 -23.70
CA LEU A 213 19.17 32.13 -23.03
C LEU A 213 19.56 33.50 -23.54
N PRO A 214 18.56 34.36 -23.83
CA PRO A 214 18.86 35.74 -24.18
C PRO A 214 19.00 36.57 -22.92
N ASP A 215 19.58 37.76 -23.03
CA ASP A 215 19.63 38.66 -21.90
C ASP A 215 18.23 39.16 -21.62
N LEU A 216 17.99 39.58 -20.39
CA LEU A 216 16.67 39.89 -19.88
C LEU A 216 16.58 41.35 -19.49
N SER A 217 15.54 42.02 -19.95
CA SER A 217 15.29 43.40 -19.57
C SER A 217 14.84 43.41 -18.12
N VAL A 218 15.51 44.20 -17.29
CA VAL A 218 15.18 44.30 -15.87
C VAL A 218 14.73 45.70 -15.45
N SER A 219 14.56 46.59 -16.42
CA SER A 219 13.92 47.89 -16.19
C SER A 219 12.99 48.23 -17.34
N ARG A 220 12.15 49.22 -17.12
CA ARG A 220 11.27 49.78 -18.14
C ARG A 220 11.27 51.31 -18.01
N ALA A 221 10.91 51.99 -19.10
CA ALA A 221 10.71 53.43 -19.08
C ALA A 221 9.60 53.74 -18.07
N ARG A 222 9.76 54.81 -17.29
CA ARG A 222 8.84 55.04 -16.18
C ARG A 222 7.39 55.32 -16.65
N ALA A 223 7.25 56.01 -17.78
CA ALA A 223 5.94 56.37 -18.30
C ALA A 223 5.07 55.14 -18.54
N THR A 224 5.63 54.16 -19.22
CA THR A 224 4.88 52.96 -19.58
C THR A 224 4.40 52.16 -18.37
N LEU A 225 5.05 52.33 -17.22
CA LEU A 225 4.59 51.75 -15.95
C LEU A 225 3.62 52.64 -15.17
N HIS A 226 3.27 53.79 -15.74
CA HIS A 226 2.45 54.78 -15.04
C HIS A 226 3.03 55.09 -13.64
N ASN A 227 4.37 55.09 -13.56
CA ASN A 227 5.08 55.41 -12.33
C ASN A 227 4.65 54.61 -11.10
N TRP A 228 4.20 53.37 -11.33
CA TRP A 228 3.78 52.50 -10.27
C TRP A 228 4.75 51.33 -10.18
N ALA A 229 5.91 51.60 -9.60
CA ALA A 229 7.01 50.64 -9.55
C ALA A 229 8.15 51.22 -8.73
N ILE A 230 9.22 50.45 -8.56
CA ILE A 230 10.37 50.89 -7.79
C ILE A 230 11.41 51.53 -8.71
N PRO A 231 11.81 52.79 -8.43
CA PRO A 231 12.82 53.38 -9.32
C PRO A 231 14.14 52.62 -9.31
N VAL A 232 14.82 52.61 -10.45
CA VAL A 232 16.14 52.04 -10.57
C VAL A 232 17.12 52.94 -9.83
N PRO A 233 17.92 52.36 -8.92
CA PRO A 233 18.92 53.14 -8.19
C PRO A 233 19.83 53.89 -9.14
N GLY A 234 19.96 55.19 -8.93
CA GLY A 234 20.83 56.00 -9.77
C GLY A 234 20.28 56.38 -11.14
N ASN A 235 19.08 55.92 -11.50
CA ASN A 235 18.44 56.36 -12.74
C ASN A 235 16.91 56.51 -12.58
N PRO A 236 16.45 57.71 -12.21
CA PRO A 236 15.03 57.97 -11.98
C PRO A 236 14.11 57.83 -13.19
N ASP A 237 14.65 57.76 -14.40
CA ASP A 237 13.84 57.55 -15.60
C ASP A 237 13.39 56.10 -15.80
N HIS A 238 14.01 55.17 -15.08
CA HIS A 238 13.70 53.74 -15.19
C HIS A 238 13.10 53.19 -13.91
N VAL A 240 12.25 49.37 -11.90
CA VAL A 240 12.66 47.98 -11.85
C VAL A 240 11.58 47.02 -12.36
N TYR A 241 11.97 46.09 -13.22
CA TYR A 241 11.08 45.05 -13.72
C TYR A 241 10.30 44.43 -12.58
N VAL A 242 8.98 44.37 -12.75
CA VAL A 242 8.09 43.93 -11.69
C VAL A 242 8.47 42.55 -11.18
N TRP A 243 9.03 41.72 -12.04
CA TRP A 243 9.43 40.36 -11.65
C TRP A 243 10.69 40.29 -10.79
N LEU A 244 11.66 41.16 -11.05
CA LEU A 244 12.83 41.23 -10.20
C LEU A 244 12.42 41.76 -8.82
N ASP A 245 11.56 42.77 -8.84
CA ASP A 245 10.86 43.29 -7.65
C ASP A 245 10.13 42.15 -6.92
N ALA A 246 9.28 41.43 -7.65
CA ALA A 246 8.48 40.38 -7.05
C ALA A 246 9.32 39.25 -6.45
N LEU A 247 10.29 38.74 -7.22
CA LEU A 247 11.08 37.59 -6.76
C LEU A 247 11.84 37.90 -5.48
N THR A 248 12.23 39.16 -5.36
CA THR A 248 12.97 39.62 -4.22
C THR A 248 12.16 39.50 -2.92
N ASN A 249 10.83 39.36 -2.99
CA ASN A 249 10.01 39.20 -1.78
C ASN A 249 10.49 38.05 -0.91
N TYR A 250 10.99 36.99 -1.54
CA TYR A 250 11.52 35.84 -0.82
C TYR A 250 12.73 36.25 0.06
N LEU A 251 13.58 37.12 -0.46
CA LEU A 251 14.75 37.62 0.29
C LEU A 251 14.32 38.59 1.38
N THR A 252 13.48 39.57 1.02
CA THR A 252 12.91 40.47 2.01
C THR A 252 12.29 39.70 3.19
N GLY A 253 11.44 38.72 2.88
CA GLY A 253 10.73 37.96 3.91
C GLY A 253 11.67 37.24 4.85
N SER A 254 12.75 36.72 4.29
CA SER A 254 13.77 36.03 5.05
C SER A 254 14.51 36.96 6.00
N ARG A 255 14.35 38.27 5.82
CA ARG A 255 15.03 39.28 6.63
C ARG A 255 14.13 40.17 7.52
N LEU A 256 12.84 39.85 7.61
CA LEU A 256 11.93 40.63 8.45
C LEU A 256 11.67 39.96 9.79
N ARG A 257 11.94 40.66 10.88
CA ARG A 257 11.46 40.23 12.19
C ARG A 257 10.01 40.65 12.34
N VAL A 258 9.16 39.68 12.66
CA VAL A 258 7.71 39.87 12.74
C VAL A 258 7.25 39.78 14.20
N ASP A 259 6.44 40.76 14.64
CA ASP A 259 5.86 40.76 16.00
C ASP A 259 4.66 39.81 16.13
N GLU A 260 4.12 39.73 17.35
CA GLU A 260 3.01 38.83 17.68
C GLU A 260 1.78 39.05 16.80
N SER A 261 1.53 40.31 16.49
CA SER A 261 0.40 40.72 15.64
C SER A 261 0.59 40.35 14.15
N GLY A 262 1.77 39.82 13.78
CA GLY A 262 2.06 39.53 12.38
C GLY A 262 2.57 40.75 11.62
N LYS A 263 2.80 41.85 12.34
CA LYS A 263 3.34 43.07 11.74
C LYS A 263 4.87 42.99 11.67
N GLU A 264 5.42 43.47 10.56
CA GLU A 264 6.86 43.54 10.39
C GLU A 264 7.38 44.71 11.24
N VAL A 265 8.40 44.45 12.04
CA VAL A 265 8.95 45.52 12.88
C VAL A 265 10.40 45.89 12.59
N SER A 266 11.09 45.12 11.75
CA SER A 266 12.51 45.32 11.59
C SER A 266 13.06 44.57 10.40
N LEU A 267 13.99 45.19 9.68
CA LEU A 267 14.68 44.55 8.56
C LEU A 267 16.13 44.34 8.97
N VAL A 268 16.57 43.09 9.07
CA VAL A 268 17.98 42.80 9.39
C VAL A 268 18.87 43.00 8.17
N ASP A 269 20.15 43.28 8.41
CA ASP A 269 21.09 43.61 7.33
C ASP A 269 21.50 42.42 6.49
N ASP A 270 21.51 41.25 7.11
CA ASP A 270 22.11 40.06 6.53
C ASP A 270 21.12 38.91 6.78
N PHE A 271 20.83 38.12 5.74
CA PHE A 271 19.88 37.02 5.88
C PHE A 271 20.30 35.94 6.90
N ASN A 272 21.60 35.70 7.07
CA ASN A 272 22.06 34.72 8.06
C ASN A 272 21.51 34.98 9.45
N GLU A 273 21.24 36.24 9.74
CA GLU A 273 20.73 36.65 11.05
C GLU A 273 19.47 35.88 11.46
N LEU A 274 18.58 35.63 10.49
CA LEU A 274 17.30 34.98 10.78
C LEU A 274 17.24 33.51 10.37
N GLU A 275 18.24 33.04 9.62
CA GLU A 275 18.43 31.62 9.35
C GLU A 275 17.31 31.01 8.50
N ARG A 276 16.71 31.82 7.65
CA ARG A 276 15.64 31.35 6.78
C ARG A 276 16.13 31.17 5.37
N PHE A 277 16.83 32.16 4.85
CA PHE A 277 17.21 32.16 3.44
C PHE A 277 18.29 31.11 3.25
N PRO A 278 18.26 30.37 2.14
CA PRO A 278 17.30 30.35 1.04
C PRO A 278 16.12 29.43 1.32
N ALA A 279 15.07 29.58 0.53
CA ALA A 279 13.89 28.77 0.69
C ALA A 279 14.22 27.31 0.51
N ASP A 280 13.60 26.51 1.37
CA ASP A 280 13.68 25.08 1.29
C ASP A 280 12.67 24.59 0.23
N VAL A 281 11.52 25.25 0.15
CA VAL A 281 10.54 25.01 -0.89
C VAL A 281 9.88 26.30 -1.37
N HIS A 282 10.00 26.61 -2.65
CA HIS A 282 9.13 27.61 -3.28
C HIS A 282 7.96 26.88 -3.90
N VAL A 283 6.74 27.18 -3.46
CA VAL A 283 5.53 26.62 -4.08
C VAL A 283 5.08 27.59 -5.18
N ILE A 284 4.86 27.05 -6.40
CA ILE A 284 4.38 27.88 -7.52
C ILE A 284 3.45 27.14 -8.46
N GLY A 285 2.72 27.88 -9.27
CA GLY A 285 1.93 27.31 -10.36
C GLY A 285 2.87 27.14 -11.54
N LYS A 286 2.51 26.24 -12.44
CA LYS A 286 3.33 25.96 -13.64
C LYS A 286 3.49 27.19 -14.54
N ASP A 287 2.51 28.09 -14.50
CA ASP A 287 2.57 29.34 -15.29
C ASP A 287 3.83 30.19 -14.99
N ILE A 288 4.40 30.08 -13.80
CA ILE A 288 5.52 30.95 -13.43
C ILE A 288 6.84 30.22 -13.14
N LEU A 289 7.01 29.08 -13.77
CA LEU A 289 8.23 28.28 -13.66
C LEU A 289 9.50 28.98 -14.16
N LYS A 290 9.46 29.64 -15.32
CA LYS A 290 10.68 30.24 -15.86
C LYS A 290 11.25 31.29 -14.92
N PHE A 291 10.38 32.08 -14.29
CA PHE A 291 10.81 33.12 -13.38
C PHE A 291 11.55 32.56 -12.17
N HIS A 292 11.07 31.42 -11.67
CA HIS A 292 11.62 30.79 -10.46
C HIS A 292 12.78 29.81 -10.67
N ALA A 293 12.80 29.14 -11.82
CA ALA A 293 13.80 28.10 -12.10
C ALA A 293 14.92 28.56 -13.03
N ILE A 294 14.72 29.70 -13.70
CA ILE A 294 15.73 30.25 -14.59
C ILE A 294 16.19 31.63 -14.10
N TYR A 295 15.29 32.63 -14.05
CA TYR A 295 15.70 34.00 -13.70
C TYR A 295 16.21 34.13 -12.26
N TRP A 296 15.42 33.65 -11.32
CA TRP A 296 15.71 33.78 -9.88
C TRP A 296 17.08 33.19 -9.53
N PRO A 297 17.34 31.92 -9.88
CA PRO A 297 18.67 31.39 -9.53
C PRO A 297 19.77 32.16 -10.22
N ALA A 298 19.52 32.64 -11.43
CA ALA A 298 20.51 33.47 -12.12
C ALA A 298 20.79 34.77 -11.37
N PHE A 299 19.76 35.46 -10.88
CA PHE A 299 19.96 36.67 -10.06
C PHE A 299 20.76 36.34 -8.79
N LEU A 300 20.43 35.22 -8.16
CA LEU A 300 21.08 34.82 -6.92
C LEU A 300 22.56 34.50 -7.14
N LEU A 301 22.87 33.80 -8.24
CA LEU A 301 24.27 33.47 -8.57
C LEU A 301 25.04 34.75 -8.80
N SER A 302 24.44 35.69 -9.53
CA SER A 302 25.08 36.97 -9.77
C SER A 302 25.39 37.69 -8.47
N ALA A 303 24.41 37.72 -7.58
CA ALA A 303 24.53 38.41 -6.30
C ALA A 303 25.37 37.66 -5.28
N GLY A 304 25.65 36.39 -5.55
CA GLY A 304 26.41 35.59 -4.62
C GLY A 304 25.56 35.11 -3.45
N LEU A 305 24.27 34.91 -3.69
CA LEU A 305 23.35 34.44 -2.66
C LEU A 305 23.08 32.96 -2.89
N PRO A 306 22.75 32.22 -1.82
CA PRO A 306 22.54 30.79 -2.00
C PRO A 306 21.21 30.51 -2.69
N LEU A 307 21.11 29.35 -3.34
CA LEU A 307 19.95 29.02 -4.15
C LEU A 307 18.94 28.22 -3.38
N PRO A 308 17.66 28.31 -3.79
CA PRO A 308 16.62 27.52 -3.13
C PRO A 308 16.88 26.01 -3.29
N LYS A 309 16.37 25.23 -2.35
CA LYS A 309 16.56 23.78 -2.37
C LYS A 309 15.60 23.10 -3.33
N LYS A 310 14.33 23.52 -3.30
CA LYS A 310 13.29 22.93 -4.12
C LYS A 310 12.31 23.98 -4.63
N ILE A 311 11.88 23.79 -5.87
CA ILE A 311 10.76 24.51 -6.48
C ILE A 311 9.72 23.46 -6.86
N VAL A 312 8.50 23.58 -6.34
CA VAL A 312 7.45 22.64 -6.71
C VAL A 312 6.36 23.42 -7.45
N ALA A 313 6.05 22.95 -8.65
CA ALA A 313 5.13 23.61 -9.56
C ALA A 313 3.93 22.71 -9.83
N HIS A 314 2.75 23.21 -9.47
CA HIS A 314 1.53 22.44 -9.57
C HIS A 314 0.75 22.86 -10.82
N GLY A 315 -0.38 22.19 -11.09
CA GLY A 315 -1.23 22.51 -12.25
C GLY A 315 -2.40 23.43 -11.97
N TRP A 316 -3.28 23.58 -12.95
CA TRP A 316 -4.44 24.47 -12.86
C TRP A 316 -5.75 23.72 -12.69
N TRP A 317 -6.64 24.23 -11.84
CA TRP A 317 -7.96 23.61 -11.64
C TRP A 317 -8.97 23.96 -12.73
N THR A 318 -9.86 23.02 -13.00
CA THR A 318 -11.08 23.26 -13.77
C THR A 318 -12.25 22.90 -12.86
N LYS A 319 -13.47 23.30 -13.25
CA LYS A 319 -14.67 22.86 -12.53
C LYS A 319 -15.67 22.26 -13.50
N ASP A 320 -16.07 21.02 -13.23
CA ASP A 320 -16.96 20.27 -14.12
C ASP A 320 -16.37 20.17 -15.54
N ARG A 321 -15.06 19.91 -15.59
CA ARG A 321 -14.31 19.75 -16.85
C ARG A 321 -14.33 20.99 -17.75
N LYS A 322 -14.57 22.17 -17.18
CA LYS A 322 -14.57 23.43 -17.91
C LYS A 322 -13.76 24.49 -17.17
N LYS A 323 -13.34 25.52 -17.90
CA LYS A 323 -12.55 26.58 -17.28
C LYS A 323 -13.36 27.31 -16.22
N ILE A 324 -12.71 27.61 -15.11
CA ILE A 324 -13.30 28.45 -14.07
C ILE A 324 -13.24 29.90 -14.54
N SER A 325 -14.39 30.57 -14.54
CA SER A 325 -14.51 31.95 -15.01
C SER A 325 -15.86 32.54 -14.59
N LYS A 326 -15.85 33.80 -14.17
CA LYS A 326 -17.08 34.52 -13.83
C LYS A 326 -17.84 34.90 -15.10
N SER A 327 -17.11 35.41 -16.09
CA SER A 327 -17.71 35.83 -17.36
C SER A 327 -18.35 34.67 -18.15
N LEU A 328 -17.85 33.45 -17.94
CA LEU A 328 -18.39 32.26 -18.60
C LEU A 328 -19.48 31.55 -17.79
N GLY A 329 -19.61 31.89 -16.51
CA GLY A 329 -20.65 31.32 -15.66
C GLY A 329 -20.26 29.97 -15.09
N ASN A 330 -18.99 29.82 -14.71
CA ASN A 330 -18.53 28.64 -14.02
C ASN A 330 -17.59 29.06 -12.89
N VAL A 331 -18.19 29.35 -11.74
CA VAL A 331 -17.47 29.88 -10.59
C VAL A 331 -17.08 28.74 -9.69
N PHE A 332 -15.99 28.93 -8.94
CA PHE A 332 -15.58 27.99 -7.91
C PHE A 332 -15.06 28.76 -6.71
N ASP A 333 -15.96 29.17 -5.84
CA ASP A 333 -15.60 29.93 -4.66
C ASP A 333 -15.25 28.97 -3.53
N PRO A 334 -13.97 28.91 -3.15
CA PRO A 334 -13.58 27.95 -2.11
C PRO A 334 -14.16 28.24 -0.72
N VAL A 335 -14.28 29.51 -0.34
CA VAL A 335 -14.91 29.83 0.94
C VAL A 335 -16.34 29.30 0.97
N GLU A 336 -17.08 29.56 -0.11
CA GLU A 336 -18.45 29.08 -0.25
C GLU A 336 -18.53 27.56 -0.12
N LYS A 337 -17.66 26.85 -0.84
CA LYS A 337 -17.65 25.39 -0.80
C LYS A 337 -17.20 24.85 0.55
N ALA A 338 -16.32 25.59 1.24
CA ALA A 338 -15.89 25.20 2.59
C ALA A 338 -17.00 25.41 3.62
N GLU A 339 -17.78 26.48 3.48
CA GLU A 339 -18.98 26.67 4.30
C GLU A 339 -20.00 25.54 4.08
N GLU A 340 -20.07 25.03 2.84
CA GLU A 340 -21.00 23.97 2.47
C GLU A 340 -20.54 22.57 2.92
N PHE A 341 -19.26 22.24 2.69
CA PHE A 341 -18.76 20.88 2.95
C PHE A 341 -17.78 20.78 4.10
N GLY A 342 -17.27 21.91 4.57
CA GLY A 342 -16.29 21.92 5.66
C GLY A 342 -14.91 22.34 5.17
N TYR A 343 -14.19 23.02 6.04
CA TYR A 343 -12.88 23.56 5.71
C TYR A 343 -11.84 22.46 5.56
N ASP A 344 -11.65 21.67 6.60
CA ASP A 344 -10.74 20.52 6.48
C ASP A 344 -11.10 19.58 5.31
N ALA A 345 -12.39 19.38 5.05
CA ALA A 345 -12.83 18.47 3.99
C ALA A 345 -12.48 18.99 2.60
N LEU A 346 -12.69 20.29 2.37
CA LEU A 346 -12.34 20.92 1.10
C LEU A 346 -10.82 20.89 0.88
N LYS A 347 -10.06 21.15 1.93
CA LYS A 347 -8.62 21.07 1.88
C LYS A 347 -8.17 19.67 1.49
N TYR A 348 -8.72 18.69 2.18
CA TYR A 348 -8.46 17.31 1.85
C TYR A 348 -8.74 17.02 0.38
N PHE A 349 -9.90 17.45 -0.10
CA PHE A 349 -10.26 17.17 -1.47
C PHE A 349 -9.24 17.76 -2.44
N LEU A 350 -8.91 19.04 -2.28
CA LEU A 350 -7.99 19.71 -3.18
C LEU A 350 -6.64 19.03 -3.21
N LEU A 351 -6.21 18.52 -2.06
CA LEU A 351 -4.89 17.88 -1.95
C LEU A 351 -4.88 16.40 -2.33
N ARG A 352 -6.04 15.75 -2.21
CA ARG A 352 -6.17 14.34 -2.54
C ARG A 352 -6.53 14.12 -4.02
N GLU A 353 -7.38 14.99 -4.56
CA GLU A 353 -7.94 14.75 -5.88
C GLU A 353 -6.91 14.83 -7.00
N SER A 354 -5.91 15.69 -6.81
CA SER A 354 -4.93 15.96 -7.86
C SER A 354 -3.51 15.91 -7.34
N GLY A 355 -2.61 15.43 -8.19
CA GLY A 355 -1.18 15.54 -7.93
C GLY A 355 -0.67 16.78 -8.64
N PHE A 356 0.58 17.15 -8.35
CA PHE A 356 1.18 18.36 -8.90
C PHE A 356 1.43 18.26 -10.41
N SER A 357 1.53 17.03 -10.91
CA SER A 357 1.60 16.79 -12.35
C SER A 357 0.31 17.13 -13.09
N ASP A 358 -0.80 17.22 -12.37
CA ASP A 358 -2.11 17.22 -13.02
C ASP A 358 -2.84 18.54 -12.87
N ASP A 359 -3.63 18.85 -13.88
CA ASP A 359 -4.68 19.85 -13.78
C ASP A 359 -5.91 19.19 -13.16
N GLY A 360 -6.09 19.36 -11.86
CA GLY A 360 -7.22 18.76 -11.16
C GLY A 360 -8.58 19.27 -11.61
N ASP A 361 -9.63 18.49 -11.32
CA ASP A 361 -11.00 18.89 -11.61
C ASP A 361 -11.92 18.75 -10.38
N TYR A 362 -12.58 19.85 -10.02
CA TYR A 362 -13.60 19.81 -8.96
C TYR A 362 -15.00 19.59 -9.53
N SER A 363 -15.75 18.69 -8.90
CA SER A 363 -17.21 18.62 -9.04
C SER A 363 -17.80 18.31 -7.67
N ASP A 364 -19.04 18.76 -7.45
CA ASP A 364 -19.76 18.47 -6.20
C ASP A 364 -19.92 16.96 -6.01
N LYS A 365 -20.13 16.25 -7.11
CA LYS A 365 -20.26 14.80 -7.12
C LYS A 365 -19.04 14.13 -6.53
N ASN A 366 -17.87 14.47 -7.07
CA ASN A 366 -16.62 13.86 -6.62
C ASN A 366 -16.23 14.33 -5.23
N MET A 367 -16.56 15.57 -4.91
CA MET A 367 -16.32 16.12 -3.57
C MET A 367 -17.12 15.31 -2.54
N ILE A 368 -18.38 15.05 -2.84
CA ILE A 368 -19.24 14.29 -1.94
C ILE A 368 -18.77 12.84 -1.81
N ALA A 369 -18.35 12.25 -2.93
CA ALA A 369 -17.81 10.88 -2.92
C ALA A 369 -16.58 10.74 -2.00
N ARG A 370 -15.62 11.65 -2.13
CA ARG A 370 -14.45 11.60 -1.25
C ARG A 370 -14.79 11.89 0.22
N LEU A 371 -15.65 12.87 0.46
CA LEU A 371 -16.12 13.15 1.81
C LEU A 371 -16.79 11.91 2.44
N ASN A 372 -17.77 11.34 1.74
CA ASN A 372 -18.46 10.15 2.24
C ASN A 372 -17.56 8.90 2.32
N GLY A 373 -16.80 8.65 1.26
CA GLY A 373 -16.03 7.42 1.14
C GLY A 373 -14.78 7.38 2.00
N GLU A 374 -14.03 8.47 2.05
CA GLU A 374 -12.77 8.46 2.75
C GLU A 374 -12.90 9.08 4.14
N LEU A 375 -13.45 10.28 4.22
CA LEU A 375 -13.46 10.98 5.47
C LEU A 375 -14.49 10.40 6.43
N ALA A 376 -15.71 10.20 5.93
CA ALA A 376 -16.77 9.62 6.74
C ALA A 376 -16.62 8.11 6.91
N ASP A 377 -16.72 7.35 5.82
CA ASP A 377 -16.75 5.88 5.90
C ASP A 377 -15.46 5.26 6.38
N THR A 378 -14.32 5.85 6.04
CA THR A 378 -13.03 5.24 6.39
C THR A 378 -12.44 5.82 7.67
N LEU A 379 -12.25 7.13 7.73
CA LEU A 379 -11.67 7.76 8.91
C LEU A 379 -12.67 7.92 10.06
N GLY A 380 -13.78 8.61 9.81
CA GLY A 380 -14.74 8.90 10.86
C GLY A 380 -15.35 7.65 11.49
N ASN A 381 -15.78 6.71 10.66
CA ASN A 381 -16.33 5.46 11.15
C ASN A 381 -15.36 4.72 12.08
N LEU A 382 -14.08 4.74 11.72
CA LEU A 382 -13.05 4.07 12.51
C LEU A 382 -12.85 4.71 13.90
N VAL A 383 -12.86 6.03 13.93
CA VAL A 383 -12.73 6.78 15.18
C VAL A 383 -13.92 6.50 16.12
N MET A 384 -15.11 6.40 15.54
CA MET A 384 -16.30 6.14 16.34
C MET A 384 -16.28 4.71 16.88
N ARG A 385 -15.78 3.77 16.09
CA ARG A 385 -15.71 2.38 16.53
C ARG A 385 -14.79 2.19 17.73
N CYS A 386 -13.58 2.71 17.68
CA CYS A 386 -12.64 2.48 18.77
C CYS A 386 -12.91 3.33 20.00
N THR A 387 -13.76 4.35 19.90
CA THR A 387 -14.15 5.15 21.06
C THR A 387 -15.57 4.89 21.55
N SER A 388 -16.30 4.02 20.86
CA SER A 388 -17.66 3.68 21.25
C SER A 388 -17.66 3.06 22.63
N ALA A 389 -18.66 3.42 23.44
CA ALA A 389 -18.81 2.86 24.78
C ALA A 389 -19.37 1.44 24.72
N LYS A 390 -19.99 1.12 23.59
CA LYS A 390 -20.45 -0.25 23.31
C LYS A 390 -19.25 -1.20 23.10
N ILE A 391 -18.14 -0.67 22.59
CA ILE A 391 -16.98 -1.49 22.27
C ILE A 391 -15.85 -1.28 23.27
N ASN A 392 -15.52 -0.02 23.49
CA ASN A 392 -14.53 0.38 24.47
C ASN A 392 -15.28 0.69 25.76
N VAL A 393 -15.65 -0.36 26.49
CA VAL A 393 -16.56 -0.22 27.62
C VAL A 393 -15.99 0.60 28.79
N ASN A 394 -14.67 0.64 28.94
CA ASN A 394 -14.05 1.40 30.01
C ASN A 394 -13.57 2.80 29.62
N GLY A 395 -13.78 3.19 28.37
CA GLY A 395 -13.40 4.52 27.90
C GLY A 395 -11.94 4.82 28.13
N GLU A 396 -11.07 3.94 27.61
CA GLU A 396 -9.65 4.07 27.86
C GLU A 396 -8.82 3.26 26.86
N TRP A 397 -7.51 3.51 26.88
CA TRP A 397 -6.55 2.76 26.09
C TRP A 397 -6.23 1.49 26.87
N PRO A 398 -6.66 0.32 26.37
CA PRO A 398 -6.43 -0.86 27.13
C PRO A 398 -5.01 -1.37 26.97
N SER A 399 -4.64 -2.24 27.88
CA SER A 399 -3.34 -2.86 27.88
C SER A 399 -3.39 -4.12 26.99
N PRO A 400 -2.61 -4.16 25.91
CA PRO A 400 -2.75 -5.30 24.99
C PRO A 400 -2.22 -6.62 25.56
N ALA A 401 -2.82 -7.72 25.13
CA ALA A 401 -2.31 -9.05 25.42
C ALA A 401 -1.41 -9.46 24.26
N ALA A 402 -1.07 -10.74 24.14
CA ALA A 402 -0.12 -11.17 23.12
C ALA A 402 -0.67 -10.98 21.68
N TYR A 403 0.22 -10.56 20.81
CA TYR A 403 -0.12 -10.27 19.43
C TYR A 403 -0.10 -11.56 18.58
N THR A 404 -1.12 -11.74 17.76
CA THR A 404 -1.15 -12.76 16.72
C THR A 404 -0.41 -12.26 15.49
N GLU A 405 -0.19 -13.14 14.52
CA GLU A 405 0.44 -12.74 13.26
C GLU A 405 -0.34 -11.66 12.52
N GLU A 406 -1.67 -11.77 12.50
CA GLU A 406 -2.50 -10.75 11.88
C GLU A 406 -2.32 -9.41 12.60
N ASP A 407 -2.33 -9.43 13.94
CA ASP A 407 -2.05 -8.23 14.73
C ASP A 407 -0.76 -7.58 14.27
N GLU A 408 0.27 -8.40 14.13
CA GLU A 408 1.59 -7.90 13.79
C GLU A 408 1.75 -7.39 12.38
N SER A 409 1.03 -7.98 11.42
CA SER A 409 1.11 -7.45 10.06
C SER A 409 0.59 -6.02 10.05
N LEU A 410 -0.44 -5.75 10.86
CA LEU A 410 -1.01 -4.41 10.94
C LEU A 410 -0.09 -3.46 11.71
N ILE A 411 0.46 -3.92 12.82
CA ILE A 411 1.40 -3.13 13.57
C ILE A 411 2.57 -2.71 12.67
N GLN A 412 3.03 -3.61 11.83
CA GLN A 412 4.13 -3.31 10.94
C GLN A 412 3.74 -2.20 9.98
N LEU A 413 2.54 -2.26 9.41
CA LEU A 413 2.08 -1.21 8.53
C LEU A 413 2.08 0.14 9.24
N ILE A 414 1.63 0.15 10.49
CA ILE A 414 1.58 1.40 11.26
C ILE A 414 2.99 1.93 11.55
N LYS A 415 3.92 1.03 11.84
CA LYS A 415 5.30 1.41 12.13
C LYS A 415 6.03 1.97 10.92
N ASP A 416 5.76 1.39 9.76
CA ASP A 416 6.37 1.85 8.52
C ASP A 416 5.79 3.18 8.00
N LEU A 417 4.56 3.51 8.39
CA LEU A 417 3.87 4.64 7.79
C LEU A 417 4.61 5.98 7.91
N PRO A 418 5.08 6.33 9.13
CA PRO A 418 5.74 7.64 9.27
C PRO A 418 6.93 7.84 8.32
N GLY A 419 7.79 6.84 8.16
CA GLY A 419 8.90 6.93 7.24
C GLY A 419 8.45 7.19 5.80
N THR A 420 7.39 6.50 5.40
CA THR A 420 6.84 6.60 4.06
C THR A 420 6.20 7.96 3.83
N ALA A 421 5.34 8.37 4.75
CA ALA A 421 4.68 9.67 4.66
C ALA A 421 5.70 10.82 4.66
N ASP A 422 6.70 10.71 5.53
CA ASP A 422 7.78 11.69 5.62
C ASP A 422 8.46 11.93 4.29
N HIS A 423 8.92 10.85 3.65
CA HIS A 423 9.55 10.97 2.35
C HIS A 423 8.65 11.69 1.36
N TYR A 424 7.37 11.31 1.32
CA TYR A 424 6.43 11.95 0.41
C TYR A 424 6.25 13.43 0.74
N TYR A 425 6.14 13.78 2.01
CA TYR A 425 6.02 15.19 2.40
C TYR A 425 7.24 16.02 1.99
N LEU A 426 8.41 15.38 1.89
CA LEU A 426 9.65 16.06 1.60
C LEU A 426 9.98 16.22 0.12
N ILE A 427 9.28 15.49 -0.75
CA ILE A 427 9.55 15.60 -2.19
C ILE A 427 9.35 17.03 -2.70
N PRO A 428 8.21 17.67 -2.41
CA PRO A 428 6.98 17.20 -1.77
C PRO A 428 5.96 16.63 -2.77
N ASP A 429 5.21 15.66 -2.29
CA ASP A 429 4.12 15.05 -3.02
C ASP A 429 3.05 14.76 -2.00
N ILE A 430 2.16 15.73 -1.80
CA ILE A 430 1.17 15.64 -0.73
C ILE A 430 0.10 14.59 -1.03
N GLN A 431 -0.29 14.49 -2.29
CA GLN A 431 -1.23 13.48 -2.69
C GLN A 431 -0.75 12.08 -2.25
N LYS A 432 0.51 11.75 -2.53
CA LYS A 432 0.99 10.42 -2.19
C LYS A 432 1.09 10.18 -0.68
N ALA A 433 1.38 11.25 0.07
CA ALA A 433 1.40 11.15 1.51
C ALA A 433 0.01 10.81 2.04
N ILE A 434 -1.02 11.47 1.49
CA ILE A 434 -2.40 11.20 1.89
C ILE A 434 -2.81 9.77 1.53
N ILE A 435 -2.55 9.37 0.29
CA ILE A 435 -2.90 8.04 -0.14
C ILE A 435 -2.24 7.01 0.77
N ALA A 436 -0.97 7.19 1.09
CA ALA A 436 -0.27 6.27 1.99
C ALA A 436 -0.94 6.16 3.35
N VAL A 437 -1.37 7.28 3.91
CA VAL A 437 -2.03 7.24 5.22
C VAL A 437 -3.35 6.51 5.11
N PHE A 438 -4.12 6.80 4.07
CA PHE A 438 -5.42 6.17 3.92
C PHE A 438 -5.34 4.67 3.58
N ASP A 439 -4.25 4.24 2.95
CA ASP A 439 -4.01 2.80 2.72
C ASP A 439 -3.91 2.12 4.08
N VAL A 440 -3.26 2.78 5.03
CA VAL A 440 -3.15 2.23 6.38
C VAL A 440 -4.48 2.29 7.11
N LEU A 441 -5.24 3.37 6.95
CA LEU A 441 -6.58 3.44 7.54
C LEU A 441 -7.50 2.31 7.03
N ARG A 442 -7.49 2.06 5.72
CA ARG A 442 -8.28 0.98 5.15
C ARG A 442 -7.90 -0.38 5.73
N ALA A 443 -6.60 -0.61 5.95
CA ALA A 443 -6.17 -1.88 6.56
C ALA A 443 -6.61 -2.01 8.02
N ILE A 444 -6.65 -0.90 8.74
CA ILE A 444 -7.14 -0.91 10.11
C ILE A 444 -8.61 -1.25 10.09
N ASN A 445 -9.36 -0.64 9.17
CA ASN A 445 -10.78 -0.96 9.05
C ASN A 445 -11.02 -2.42 8.79
N ALA A 446 -10.28 -2.98 7.84
CA ALA A 446 -10.47 -4.37 7.47
C ALA A 446 -10.06 -5.30 8.62
N TYR A 447 -9.07 -4.90 9.41
CA TYR A 447 -8.69 -5.64 10.60
C TYR A 447 -9.84 -5.63 11.61
N VAL A 448 -10.43 -4.46 11.82
CA VAL A 448 -11.55 -4.30 12.75
C VAL A 448 -12.75 -5.17 12.33
N THR A 449 -13.10 -5.12 11.06
CA THR A 449 -14.19 -5.93 10.52
C THR A 449 -13.92 -7.42 10.72
N ASP A 450 -12.69 -7.81 10.48
CA ASP A 450 -12.23 -9.17 10.64
C ASP A 450 -12.30 -9.63 12.10
N MET A 451 -11.90 -8.75 13.01
CA MET A 451 -11.87 -9.09 14.43
C MET A 451 -13.22 -8.93 15.12
N ALA A 452 -14.12 -8.14 14.55
CA ALA A 452 -15.47 -7.91 15.11
C ALA A 452 -15.44 -7.66 16.61
N PRO A 453 -14.76 -6.59 17.05
CA PRO A 453 -14.54 -6.34 18.47
C PRO A 453 -15.83 -6.21 19.26
N TRP A 454 -16.91 -5.79 18.58
CA TRP A 454 -18.22 -5.73 19.21
C TRP A 454 -18.66 -7.07 19.81
N LYS A 455 -18.40 -8.18 19.11
CA LYS A 455 -18.72 -9.51 19.65
C LYS A 455 -17.75 -9.93 20.75
N LEU A 456 -16.50 -9.47 20.66
CA LEU A 456 -15.48 -9.83 21.65
C LEU A 456 -15.76 -9.30 23.05
N VAL A 457 -16.59 -8.26 23.16
CA VAL A 457 -16.98 -7.73 24.47
C VAL A 457 -17.51 -8.82 25.37
N LYS A 458 -18.44 -9.64 24.84
CA LYS A 458 -19.02 -10.76 25.59
C LYS A 458 -18.14 -12.00 25.52
N THR A 459 -17.51 -12.23 24.37
CA THR A 459 -16.87 -13.50 24.05
C THR A 459 -15.41 -13.66 24.56
N ASP A 460 -14.60 -12.61 24.45
CA ASP A 460 -13.18 -12.67 24.81
C ASP A 460 -12.64 -11.28 25.17
N PRO A 461 -12.93 -10.81 26.39
CA PRO A 461 -12.49 -9.47 26.79
C PRO A 461 -10.98 -9.26 26.67
N GLU A 462 -10.20 -10.31 26.90
CA GLU A 462 -8.75 -10.22 26.79
C GLU A 462 -8.35 -9.92 25.35
N ARG A 463 -8.87 -10.70 24.41
CA ARG A 463 -8.61 -10.47 22.99
C ARG A 463 -9.01 -9.05 22.57
N LEU A 464 -10.14 -8.57 23.11
CA LEU A 464 -10.61 -7.23 22.81
C LEU A 464 -9.61 -6.15 23.21
N ARG A 465 -8.93 -6.32 24.35
CA ARG A 465 -7.90 -5.37 24.79
C ARG A 465 -6.86 -5.17 23.69
N THR A 466 -6.44 -6.27 23.09
CA THR A 466 -5.42 -6.23 22.05
C THR A 466 -5.92 -5.53 20.79
N VAL A 467 -7.09 -5.94 20.31
CA VAL A 467 -7.65 -5.37 19.09
C VAL A 467 -7.91 -3.88 19.27
N LEU A 468 -8.39 -3.49 20.45
CA LEU A 468 -8.70 -2.08 20.72
C LEU A 468 -7.44 -1.25 20.76
N TYR A 469 -6.42 -1.75 21.45
CA TYR A 469 -5.19 -1.00 21.57
C TYR A 469 -4.55 -0.77 20.20
N ILE A 470 -4.48 -1.78 19.34
CA ILE A 470 -3.86 -1.64 18.01
C ILE A 470 -4.66 -0.65 17.19
N THR A 471 -5.99 -0.74 17.27
CA THR A 471 -6.86 0.17 16.55
C THR A 471 -6.69 1.63 16.99
N LEU A 472 -6.68 1.85 18.30
CA LEU A 472 -6.49 3.19 18.84
C LEU A 472 -5.19 3.81 18.38
N GLU A 473 -4.14 3.01 18.40
CA GLU A 473 -2.81 3.51 18.10
C GLU A 473 -2.64 3.74 16.60
N GLY A 474 -3.26 2.89 15.78
CA GLY A 474 -3.27 3.12 14.34
C GLY A 474 -3.97 4.43 14.00
N VAL A 475 -5.09 4.69 14.66
CA VAL A 475 -5.85 5.93 14.47
C VAL A 475 -5.02 7.15 14.91
N ARG A 476 -4.34 7.03 16.05
CA ARG A 476 -3.50 8.12 16.53
C ARG A 476 -2.36 8.46 15.55
N VAL A 477 -1.65 7.44 15.08
CA VAL A 477 -0.52 7.66 14.19
C VAL A 477 -0.97 8.22 12.82
N THR A 478 -1.98 7.60 12.24
CA THR A 478 -2.51 8.09 10.96
C THR A 478 -2.98 9.53 11.10
N THR A 479 -3.68 9.84 12.18
CA THR A 479 -4.19 11.20 12.42
C THR A 479 -3.07 12.22 12.61
N LEU A 480 -1.99 11.81 13.28
CA LEU A 480 -0.85 12.68 13.43
C LEU A 480 -0.28 13.08 12.07
N LEU A 481 -0.17 12.12 11.17
CA LEU A 481 0.39 12.38 9.86
C LEU A 481 -0.59 13.08 8.92
N LEU A 482 -1.88 13.01 9.24
CA LEU A 482 -2.89 13.78 8.52
C LEU A 482 -3.13 15.17 9.10
N SER A 483 -2.52 15.48 10.25
CA SER A 483 -2.86 16.73 10.91
C SER A 483 -2.49 17.99 10.12
N PRO A 484 -1.44 17.93 9.27
CA PRO A 484 -1.19 19.05 8.36
C PRO A 484 -2.28 19.29 7.32
N ILE A 485 -3.06 18.25 7.01
CA ILE A 485 -4.14 18.29 6.03
C ILE A 485 -5.51 18.57 6.65
N LEU A 486 -5.74 18.04 7.86
CA LEU A 486 -6.98 18.22 8.59
C LEU A 486 -6.65 18.79 9.97
N PRO A 487 -6.15 20.03 10.02
CA PRO A 487 -5.68 20.59 11.29
C PRO A 487 -6.76 20.75 12.37
N ARG A 488 -7.97 21.12 12.00
CA ARG A 488 -9.06 21.21 12.99
C ARG A 488 -9.59 19.86 13.40
N LYS A 489 -9.84 19.00 12.44
CA LYS A 489 -10.40 17.67 12.70
C LYS A 489 -9.42 16.75 13.42
N SER A 490 -8.12 16.93 13.18
CA SER A 490 -7.13 16.12 13.87
C SER A 490 -7.17 16.39 15.39
N VAL A 491 -7.42 17.64 15.77
CA VAL A 491 -7.58 17.99 17.19
C VAL A 491 -8.82 17.34 17.80
N VAL A 492 -9.92 17.33 17.05
CA VAL A 492 -11.14 16.71 17.52
C VAL A 492 -10.91 15.24 17.77
N ILE A 493 -10.26 14.59 16.83
CA ILE A 493 -9.90 13.18 16.96
C ILE A 493 -9.02 12.95 18.19
N PHE A 494 -7.89 13.66 18.29
CA PHE A 494 -7.03 13.52 19.45
C PHE A 494 -7.79 13.74 20.77
N ASP A 495 -8.68 14.74 20.80
CA ASP A 495 -9.54 14.97 21.97
C ASP A 495 -10.39 13.75 22.28
N MET A 496 -11.06 13.20 21.26
CA MET A 496 -11.87 12.01 21.44
C MET A 496 -11.03 10.86 21.99
N LEU A 497 -9.82 10.73 21.47
CA LEU A 497 -8.91 9.65 21.90
C LEU A 497 -8.25 9.93 23.26
N GLY A 498 -8.39 11.15 23.75
CA GLY A 498 -7.74 11.55 24.99
C GLY A 498 -6.22 11.60 24.90
N VAL A 499 -5.70 11.88 23.71
CA VAL A 499 -4.25 11.98 23.52
C VAL A 499 -3.72 13.26 24.17
N PRO A 500 -2.79 13.14 25.13
CA PRO A 500 -2.31 14.37 25.77
C PRO A 500 -1.61 15.29 24.78
N GLU A 501 -1.71 16.61 25.01
CA GLU A 501 -1.14 17.63 24.13
C GLU A 501 0.26 17.30 23.66
N VAL A 502 1.11 16.92 24.61
CA VAL A 502 2.51 16.65 24.34
C VAL A 502 2.70 15.59 23.26
N HIS A 503 1.79 14.64 23.16
CA HIS A 503 1.93 13.55 22.20
C HIS A 503 1.32 13.88 20.83
N ARG A 504 0.88 15.12 20.64
CA ARG A 504 0.27 15.54 19.36
C ARG A 504 1.26 16.10 18.35
N LYS A 505 2.55 16.12 18.71
CA LYS A 505 3.58 16.53 17.77
C LYS A 505 4.94 15.96 18.16
N GLY A 506 5.93 16.14 17.30
CA GLY A 506 7.27 15.68 17.57
C GLY A 506 7.48 14.30 17.01
N ILE A 507 8.68 14.04 16.48
CA ILE A 507 8.99 12.74 15.85
C ILE A 507 8.99 11.60 16.86
N GLU A 508 9.20 11.92 18.14
CA GLU A 508 9.06 10.93 19.20
C GLU A 508 7.70 10.24 19.09
N ASN A 509 6.68 11.01 18.74
CA ASN A 509 5.32 10.49 18.69
C ASN A 509 4.89 9.88 17.36
N PHE A 510 5.81 9.85 16.40
CA PHE A 510 5.65 9.02 15.20
C PHE A 510 5.77 7.53 15.56
N GLU A 511 6.38 7.24 16.70
CA GLU A 511 6.61 5.87 17.14
C GLU A 511 5.36 5.20 17.68
N PHE A 512 5.21 3.93 17.32
CA PHE A 512 4.11 3.09 17.76
C PHE A 512 4.28 2.90 19.24
N GLY A 513 3.23 3.17 20.00
CA GLY A 513 3.25 2.95 21.45
C GLY A 513 3.53 4.16 22.30
N ALA A 514 3.45 5.36 21.72
CA ALA A 514 3.73 6.60 22.46
C ALA A 514 2.71 6.92 23.52
N VAL A 515 1.47 6.48 23.36
CA VAL A 515 0.45 6.73 24.37
C VAL A 515 0.25 5.49 25.22
N PRO A 516 0.38 5.64 26.54
CA PRO A 516 0.36 4.48 27.41
C PRO A 516 -1.02 3.88 27.66
N PRO A 517 -1.09 2.54 27.79
CA PRO A 517 -2.31 1.94 28.31
C PRO A 517 -2.75 2.62 29.60
N GLY A 518 -4.06 2.82 29.75
CA GLY A 518 -4.61 3.50 30.92
C GLY A 518 -4.99 4.96 30.67
N THR A 519 -4.50 5.53 29.56
CA THR A 519 -4.91 6.86 29.14
C THR A 519 -6.42 6.85 28.93
N ARG A 520 -7.13 7.83 29.48
CA ARG A 520 -8.58 7.88 29.38
C ARG A 520 -9.02 8.57 28.10
N LEU A 521 -10.15 8.14 27.54
CA LEU A 521 -10.68 8.78 26.34
C LEU A 521 -11.30 10.10 26.75
N GLY A 522 -11.44 10.99 25.79
CA GLY A 522 -12.09 12.26 26.02
C GLY A 522 -13.56 12.03 26.23
N PRO A 523 -14.26 13.01 26.81
CA PRO A 523 -15.68 12.80 27.06
C PRO A 523 -16.48 12.71 25.76
N ALA A 524 -17.61 12.04 25.83
CA ALA A 524 -18.50 11.87 24.67
C ALA A 524 -19.55 12.96 24.68
N VAL A 525 -20.10 13.25 23.51
CA VAL A 525 -21.15 14.25 23.33
C VAL A 525 -22.25 13.62 22.48
N GLU A 526 -23.47 13.57 23.01
CA GLU A 526 -24.59 12.79 22.43
C GLU A 526 -24.57 12.64 20.91
N GLY A 527 -24.85 13.73 20.20
CA GLY A 527 -25.00 13.69 18.74
C GLY A 527 -23.73 13.97 17.94
N GLU A 528 -22.57 13.96 18.59
CA GLU A 528 -21.33 14.36 17.93
C GLU A 528 -20.99 13.42 16.76
N VAL A 529 -20.63 14.03 15.64
CA VAL A 529 -20.23 13.31 14.45
C VAL A 529 -19.04 14.04 13.85
N LEU A 530 -18.05 13.27 13.42
CA LEU A 530 -16.79 13.84 12.95
C LEU A 530 -16.90 14.38 11.53
N PHE A 531 -17.38 13.55 10.61
CA PHE A 531 -17.75 13.97 9.26
C PHE A 531 -19.13 13.44 8.96
N SER A 532 -20.11 14.31 8.81
CA SER A 532 -21.45 13.87 8.48
C SER A 532 -21.57 13.73 6.96
N LYS A 533 -22.08 12.59 6.53
CA LYS A 533 -22.29 12.31 5.12
C LYS A 533 -23.25 13.31 4.50
N ARG A 534 -23.03 13.62 3.22
CA ARG A 534 -23.86 14.57 2.49
CA ARG A 534 -23.87 14.57 2.50
C ARG A 534 -24.71 13.85 1.45
N SER A 535 -25.91 14.36 1.23
CA SER A 535 -26.85 13.78 0.28
C SER A 535 -26.25 13.64 -1.13
N THR A 536 -26.24 12.41 -1.64
CA THR A 536 -25.84 12.10 -3.01
C THR A 536 -26.95 12.49 -4.00
N GLU A 537 -26.61 13.31 -5.00
CA GLU A 537 -27.58 13.78 -5.99
C GLU A 537 -26.93 13.95 -7.37
N GLY B 1 10.53 -2.37 8.14
CA GLY B 1 10.89 -3.09 9.39
C GLY B 1 11.34 -4.52 9.12
N PRO B 2 12.00 -5.14 10.10
CA PRO B 2 12.39 -6.53 9.89
C PRO B 2 11.20 -7.46 9.90
N GLY B 3 11.34 -8.58 9.19
CA GLY B 3 10.36 -9.64 9.27
C GLY B 3 10.62 -10.50 10.48
N SER B 4 9.87 -11.58 10.61
CA SER B 4 10.12 -12.53 11.67
C SER B 4 11.41 -13.27 11.37
N MET B 5 12.04 -13.70 12.45
CA MET B 5 13.23 -14.49 12.44
C MET B 5 12.96 -15.88 11.86
N LYS B 6 13.99 -16.54 11.35
CA LYS B 6 13.85 -17.94 10.93
C LYS B 6 13.42 -18.80 12.12
N VAL B 7 12.58 -19.80 11.87
CA VAL B 7 12.31 -20.81 12.89
C VAL B 7 13.56 -21.67 13.10
N GLU B 8 13.66 -22.25 14.29
CA GLU B 8 14.75 -23.18 14.62
C GLU B 8 14.50 -24.62 14.15
N LYS B 9 13.25 -25.06 14.21
CA LYS B 9 12.87 -26.42 13.83
C LYS B 9 12.81 -26.53 12.32
N VAL B 10 12.42 -27.69 11.81
CA VAL B 10 12.09 -27.82 10.41
C VAL B 10 10.66 -27.32 10.24
N PHE B 11 10.45 -26.37 9.34
CA PHE B 11 9.11 -25.84 9.11
C PHE B 11 8.26 -26.93 8.43
N PHE B 12 7.15 -27.27 9.09
CA PHE B 12 6.34 -28.42 8.72
C PHE B 12 4.97 -27.92 8.27
N VAL B 13 4.68 -28.15 6.98
CA VAL B 13 3.44 -27.68 6.35
C VAL B 13 2.78 -28.83 5.60
N THR B 14 1.47 -28.97 5.78
CA THR B 14 0.74 -30.12 5.24
C THR B 14 -0.45 -29.71 4.42
N SER B 15 -0.88 -30.60 3.53
CA SER B 15 -2.19 -30.51 2.91
C SER B 15 -3.02 -31.64 3.51
N PRO B 16 -4.35 -31.62 3.28
CA PRO B 16 -5.10 -32.79 3.70
C PRO B 16 -4.64 -33.97 2.88
N ILE B 17 -5.00 -35.17 3.29
CA ILE B 17 -4.83 -36.31 2.43
C ILE B 17 -6.17 -36.53 1.73
N TYR B 18 -6.09 -36.95 0.48
CA TYR B 18 -7.24 -36.93 -0.42
C TYR B 18 -7.78 -38.32 -0.64
N TYR B 19 -9.10 -38.44 -0.66
CA TYR B 19 -9.76 -39.74 -0.80
C TYR B 19 -9.72 -40.26 -2.23
N VAL B 20 -9.34 -41.53 -2.36
CA VAL B 20 -9.10 -42.14 -3.69
C VAL B 20 -10.31 -42.74 -4.38
N ASN B 21 -11.52 -42.44 -3.91
CA ASN B 21 -12.72 -42.76 -4.70
C ASN B 21 -13.04 -41.70 -5.75
N ALA B 22 -12.16 -40.70 -5.90
CA ALA B 22 -12.29 -39.70 -6.94
C ALA B 22 -10.93 -39.42 -7.54
N ALA B 23 -10.95 -39.01 -8.81
CA ALA B 23 -9.73 -38.59 -9.48
C ALA B 23 -9.38 -37.20 -8.97
N PRO B 24 -8.14 -36.77 -9.17
CA PRO B 24 -7.75 -35.43 -8.71
C PRO B 24 -8.56 -34.33 -9.41
N HIS B 25 -9.00 -33.35 -8.65
CA HIS B 25 -9.76 -32.21 -9.19
C HIS B 25 -9.22 -30.90 -8.58
N ILE B 26 -9.85 -29.80 -8.95
CA ILE B 26 -9.40 -28.46 -8.56
C ILE B 26 -9.24 -28.29 -7.05
N GLY B 27 -10.19 -28.79 -6.28
CA GLY B 27 -10.10 -28.77 -4.81
C GLY B 27 -8.78 -29.27 -4.26
N HIS B 28 -8.39 -30.48 -4.64
CA HIS B 28 -7.11 -31.07 -4.21
C HIS B 28 -5.92 -30.25 -4.72
N VAL B 29 -6.01 -29.84 -5.98
CA VAL B 29 -4.95 -29.05 -6.61
C VAL B 29 -4.75 -27.72 -5.87
N TYR B 30 -5.88 -27.09 -5.49
CA TYR B 30 -5.87 -25.84 -4.78
C TYR B 30 -5.26 -25.94 -3.39
N SER B 31 -5.65 -26.97 -2.62
CA SER B 31 -5.10 -27.13 -1.28
C SER B 31 -3.61 -27.39 -1.32
N THR B 32 -3.19 -28.25 -2.24
CA THR B 32 -1.75 -28.59 -2.37
C THR B 32 -0.91 -27.40 -2.89
N LEU B 33 -1.48 -26.56 -3.76
CA LEU B 33 -0.83 -25.31 -4.17
C LEU B 33 -0.50 -24.41 -2.97
N ILE B 34 -1.46 -24.23 -2.08
CA ILE B 34 -1.28 -23.37 -0.92
C ILE B 34 -0.15 -23.94 -0.05
N THR B 35 -0.22 -25.25 0.19
CA THR B 35 0.83 -25.98 0.90
C THR B 35 2.19 -25.78 0.26
N ASP B 36 2.21 -25.95 -1.06
CA ASP B 36 3.44 -25.80 -1.85
C ASP B 36 4.02 -24.41 -1.72
N VAL B 37 3.16 -23.40 -1.78
CA VAL B 37 3.61 -22.00 -1.74
C VAL B 37 4.21 -21.64 -0.38
N ILE B 38 3.50 -22.02 0.68
CA ILE B 38 3.97 -21.80 2.02
C ILE B 38 5.33 -22.47 2.19
N GLY B 39 5.42 -23.71 1.74
CA GLY B 39 6.70 -24.42 1.73
C GLY B 39 7.80 -23.64 1.00
N ARG B 40 7.49 -23.19 -0.20
CA ARG B 40 8.48 -22.50 -1.00
C ARG B 40 8.95 -21.21 -0.32
N TYR B 41 8.01 -20.46 0.26
CA TYR B 41 8.42 -19.20 0.90
C TYR B 41 9.45 -19.49 1.98
N HIS B 42 9.16 -20.46 2.83
CA HIS B 42 10.06 -20.79 3.91
C HIS B 42 11.41 -21.32 3.42
N ARG B 43 11.43 -22.04 2.30
CA ARG B 43 12.71 -22.47 1.70
C ARG B 43 13.50 -21.23 1.20
N VAL B 44 12.83 -20.31 0.55
CA VAL B 44 13.46 -19.07 0.07
C VAL B 44 13.94 -18.17 1.21
N LYS B 45 13.26 -18.23 2.33
CA LYS B 45 13.67 -17.52 3.53
C LYS B 45 14.94 -18.14 4.12
N GLY B 46 15.23 -19.39 3.77
CA GLY B 46 16.43 -20.08 4.21
C GLY B 46 16.19 -20.99 5.38
N GLU B 47 14.97 -21.48 5.54
CA GLU B 47 14.65 -22.44 6.59
C GLU B 47 14.68 -23.85 6.02
N ARG B 48 14.85 -24.82 6.91
CA ARG B 48 14.60 -26.21 6.56
C ARG B 48 13.10 -26.39 6.51
N VAL B 49 12.62 -27.09 5.48
CA VAL B 49 11.20 -27.27 5.22
C VAL B 49 10.85 -28.73 4.95
N PHE B 50 9.75 -29.21 5.51
CA PHE B 50 9.15 -30.47 5.11
C PHE B 50 7.67 -30.25 4.76
N ALA B 51 7.35 -30.39 3.47
CA ALA B 51 5.98 -30.23 2.98
C ALA B 51 5.40 -31.60 2.62
N LEU B 52 4.22 -31.86 3.16
CA LEU B 52 3.59 -33.16 3.10
C LEU B 52 2.24 -33.04 2.43
N THR B 53 1.91 -34.05 1.61
CA THR B 53 0.58 -34.23 1.03
C THR B 53 0.34 -35.74 0.89
N GLY B 54 -0.84 -36.16 0.44
CA GLY B 54 -1.03 -37.59 0.23
C GLY B 54 -2.45 -38.09 0.03
N THR B 55 -2.62 -39.40 0.20
CA THR B 55 -3.90 -40.05 -0.08
C THR B 55 -4.44 -40.90 1.07
N ASP B 56 -5.77 -40.82 1.20
CA ASP B 56 -6.57 -41.50 2.21
C ASP B 56 -7.19 -42.69 1.45
N GLU B 57 -6.82 -43.91 1.84
CA GLU B 57 -7.04 -45.08 0.96
C GLU B 57 -7.92 -46.20 1.51
N HIS B 58 -8.34 -46.10 2.76
CA HIS B 58 -9.15 -47.13 3.42
C HIS B 58 -10.64 -46.84 3.40
N GLY B 59 -11.44 -47.83 3.79
CA GLY B 59 -12.87 -47.65 4.01
C GLY B 59 -13.74 -48.35 2.99
N GLN B 60 -15.03 -48.47 3.31
CA GLN B 60 -15.97 -49.18 2.45
C GLN B 60 -16.13 -48.60 1.04
N LYS B 61 -16.06 -47.28 0.90
CA LYS B 61 -16.32 -46.66 -0.40
C LYS B 61 -15.22 -47.01 -1.40
N VAL B 62 -14.00 -47.13 -0.92
CA VAL B 62 -12.86 -47.51 -1.74
C VAL B 62 -12.97 -48.97 -2.16
N ALA B 63 -13.28 -49.84 -1.20
CA ALA B 63 -13.52 -51.24 -1.50
C ALA B 63 -14.64 -51.44 -2.52
N GLU B 64 -15.72 -50.68 -2.38
CA GLU B 64 -16.85 -50.77 -3.31
C GLU B 64 -16.46 -50.30 -4.71
N ALA B 65 -15.68 -49.22 -4.78
CA ALA B 65 -15.21 -48.69 -6.06
C ALA B 65 -14.31 -49.70 -6.76
N ALA B 66 -13.39 -50.33 -6.01
CA ALA B 66 -12.52 -51.37 -6.55
C ALA B 66 -13.32 -52.57 -7.08
N LYS B 67 -14.29 -53.01 -6.31
CA LYS B 67 -15.17 -54.10 -6.71
C LYS B 67 -15.89 -53.84 -8.04
N GLN B 68 -16.33 -52.59 -8.25
CA GLN B 68 -17.00 -52.20 -9.50
C GLN B 68 -16.04 -52.18 -10.68
N LYS B 69 -14.80 -51.73 -10.44
CA LYS B 69 -13.74 -51.81 -11.46
C LYS B 69 -13.21 -53.24 -11.60
N GLN B 70 -13.69 -54.15 -10.75
CA GLN B 70 -13.28 -55.56 -10.76
C GLN B 70 -11.77 -55.75 -10.58
N VAL B 71 -11.18 -54.96 -9.68
CA VAL B 71 -9.77 -55.10 -9.33
C VAL B 71 -9.65 -55.17 -7.81
N SER B 72 -8.51 -55.62 -7.30
CA SER B 72 -8.31 -55.63 -5.86
C SER B 72 -8.24 -54.21 -5.33
N PRO B 73 -8.65 -53.99 -4.08
CA PRO B 73 -8.48 -52.66 -3.49
C PRO B 73 -7.03 -52.18 -3.45
N TYR B 74 -6.08 -53.10 -3.39
CA TYR B 74 -4.65 -52.78 -3.39
C TYR B 74 -4.23 -52.16 -4.73
N ASP B 75 -4.68 -52.77 -5.83
CA ASP B 75 -4.37 -52.27 -7.17
C ASP B 75 -5.10 -50.96 -7.45
N PHE B 76 -6.34 -50.86 -7.00
CA PHE B 76 -7.15 -49.67 -7.19
C PHE B 76 -6.50 -48.48 -6.51
N THR B 77 -6.16 -48.63 -5.23
CA THR B 77 -5.59 -47.53 -4.47
C THR B 77 -4.22 -47.12 -4.99
N THR B 78 -3.40 -48.10 -5.41
CA THR B 78 -2.09 -47.80 -5.99
C THR B 78 -2.23 -47.04 -7.29
N ALA B 79 -3.20 -47.44 -8.12
CA ALA B 79 -3.46 -46.74 -9.38
C ALA B 79 -3.89 -45.30 -9.14
N VAL B 80 -4.83 -45.09 -8.22
CA VAL B 80 -5.37 -43.76 -8.00
C VAL B 80 -4.32 -42.86 -7.33
N ALA B 81 -3.62 -43.39 -6.33
CA ALA B 81 -2.50 -42.66 -5.77
C ALA B 81 -1.55 -42.19 -6.88
N GLY B 82 -1.28 -43.06 -7.84
CA GLY B 82 -0.52 -42.71 -9.05
C GLY B 82 -1.06 -41.50 -9.80
N GLU B 83 -2.37 -41.45 -10.00
CA GLU B 83 -3.01 -40.30 -10.65
C GLU B 83 -2.72 -39.01 -9.87
N PHE B 84 -2.77 -39.08 -8.55
CA PHE B 84 -2.53 -37.90 -7.72
C PHE B 84 -1.07 -37.46 -7.81
N LYS B 85 -0.16 -38.42 -7.70
CA LYS B 85 1.28 -38.13 -7.84
C LYS B 85 1.61 -37.48 -9.17
N LYS B 86 1.05 -38.04 -10.25
CA LYS B 86 1.29 -37.52 -11.59
C LYS B 86 0.72 -36.11 -11.74
N CYS B 87 -0.45 -35.87 -11.15
CA CYS B 87 -1.07 -34.57 -11.23
C CYS B 87 -0.17 -33.50 -10.57
N PHE B 88 0.32 -33.81 -9.37
CA PHE B 88 1.16 -32.87 -8.64
C PHE B 88 2.55 -32.66 -9.27
N GLU B 89 3.10 -33.67 -9.92
CA GLU B 89 4.28 -33.48 -10.77
C GLU B 89 3.94 -32.54 -11.93
N GLN B 90 2.82 -32.78 -12.60
CA GLN B 90 2.44 -31.93 -13.72
C GLN B 90 2.16 -30.49 -13.31
N MET B 91 1.55 -30.31 -12.15
CA MET B 91 1.34 -28.97 -11.60
C MET B 91 2.64 -28.34 -11.11
N ASP B 92 3.72 -29.11 -11.05
CA ASP B 92 5.04 -28.59 -10.76
C ASP B 92 5.15 -28.13 -9.31
N TYR B 93 4.61 -28.92 -8.41
CA TYR B 93 4.77 -28.65 -7.00
C TYR B 93 6.10 -29.17 -6.54
N SER B 94 6.52 -28.75 -5.35
CA SER B 94 7.76 -29.23 -4.77
C SER B 94 7.46 -29.72 -3.36
N ILE B 95 6.65 -30.75 -3.28
CA ILE B 95 6.26 -31.34 -2.01
C ILE B 95 7.31 -32.39 -1.66
N ASP B 96 7.72 -32.45 -0.38
CA ASP B 96 8.81 -33.31 0.04
C ASP B 96 8.44 -34.78 0.19
N TYR B 97 7.21 -35.08 0.60
CA TYR B 97 6.78 -36.47 0.73
C TYR B 97 5.28 -36.63 0.41
N PHE B 98 4.97 -37.76 -0.22
CA PHE B 98 3.62 -38.13 -0.58
C PHE B 98 3.27 -39.38 0.22
N ILE B 99 2.38 -39.23 1.20
CA ILE B 99 2.06 -40.31 2.12
C ILE B 99 0.78 -41.01 1.69
N ARG B 100 0.77 -42.34 1.83
CA ARG B 100 -0.40 -43.15 1.54
C ARG B 100 -0.74 -43.93 2.81
N THR B 101 -2.01 -43.95 3.20
CA THR B 101 -2.40 -44.57 4.47
C THR B 101 -2.31 -46.09 4.45
N THR B 102 -2.14 -46.68 3.27
CA THR B 102 -1.86 -48.11 3.15
C THR B 102 -0.42 -48.44 3.54
N ASN B 103 0.40 -47.43 3.74
CA ASN B 103 1.80 -47.65 4.12
C ASN B 103 1.91 -48.31 5.50
N GLU B 104 2.82 -49.26 5.62
CA GLU B 104 3.00 -50.06 6.85
C GLU B 104 3.46 -49.22 8.03
N GLN B 105 4.34 -48.26 7.77
CA GLN B 105 4.82 -47.34 8.80
C GLN B 105 3.66 -46.52 9.37
N HIS B 106 2.77 -46.04 8.49
CA HIS B 106 1.60 -45.31 8.95
C HIS B 106 0.71 -46.16 9.85
N LYS B 107 0.48 -47.40 9.46
CA LYS B 107 -0.33 -48.28 10.28
C LYS B 107 0.31 -48.47 11.67
N ALA B 108 1.62 -48.55 11.73
CA ALA B 108 2.36 -48.72 13.01
C ALA B 108 2.13 -47.52 13.92
N VAL B 109 2.12 -46.33 13.33
CA VAL B 109 1.89 -45.10 14.06
C VAL B 109 0.43 -45.00 14.53
N VAL B 110 -0.50 -45.34 13.65
CA VAL B 110 -1.91 -45.38 14.02
C VAL B 110 -2.12 -46.31 15.22
N LYS B 111 -1.54 -47.52 15.16
CA LYS B 111 -1.63 -48.45 16.27
C LYS B 111 -1.02 -47.91 17.56
N GLU B 112 0.11 -47.22 17.42
CA GLU B 112 0.81 -46.62 18.55
C GLU B 112 -0.06 -45.53 19.20
N LEU B 113 -0.61 -44.65 18.39
CA LEU B 113 -1.49 -43.59 18.91
C LEU B 113 -2.76 -44.14 19.55
N TRP B 114 -3.41 -45.08 18.85
CA TRP B 114 -4.58 -45.74 19.39
C TRP B 114 -4.31 -46.30 20.78
N THR B 115 -3.25 -47.08 20.91
CA THR B 115 -2.94 -47.78 22.15
C THR B 115 -2.67 -46.78 23.27
N LYS B 116 -1.97 -45.71 22.93
CA LYS B 116 -1.75 -44.62 23.86
C LYS B 116 -3.08 -44.04 24.40
N LEU B 117 -3.99 -43.67 23.50
CA LEU B 117 -5.31 -43.14 23.92
C LEU B 117 -6.09 -44.14 24.76
N GLU B 118 -6.08 -45.41 24.37
CA GLU B 118 -6.78 -46.46 25.09
C GLU B 118 -6.17 -46.63 26.47
N GLN B 119 -4.85 -46.60 26.55
CA GLN B 119 -4.17 -46.73 27.85
C GLN B 119 -4.43 -45.54 28.75
N LYS B 120 -4.54 -44.35 28.17
CA LYS B 120 -4.96 -43.16 28.91
C LYS B 120 -6.40 -43.26 29.45
N GLY B 121 -7.21 -44.14 28.89
CA GLY B 121 -8.63 -44.24 29.26
C GLY B 121 -9.51 -43.27 28.47
N ASP B 122 -8.99 -42.72 27.39
CA ASP B 122 -9.77 -41.83 26.53
C ASP B 122 -10.44 -42.56 25.36
N ILE B 123 -10.04 -43.81 25.08
CA ILE B 123 -10.82 -44.72 24.26
C ILE B 123 -11.30 -45.84 25.14
N TYR B 124 -12.60 -46.15 25.07
CA TYR B 124 -13.17 -47.30 25.78
C TYR B 124 -14.03 -48.13 24.85
N LEU B 125 -14.29 -49.36 25.23
CA LEU B 125 -15.12 -50.26 24.44
C LEU B 125 -16.47 -50.40 25.12
N GLY B 126 -17.54 -50.26 24.36
CA GLY B 126 -18.89 -50.47 24.89
C GLY B 126 -19.77 -51.07 23.84
N ARG B 127 -20.91 -51.61 24.26
CA ARG B 127 -21.91 -52.14 23.34
C ARG B 127 -22.90 -51.03 22.99
N TYR B 128 -22.94 -50.64 21.72
CA TYR B 128 -23.92 -49.67 21.23
C TYR B 128 -25.22 -50.37 20.88
N GLU B 129 -26.34 -49.73 21.19
CA GLU B 129 -27.69 -50.28 20.91
C GLU B 129 -28.57 -49.16 20.35
N GLY B 130 -28.83 -49.18 19.05
CA GLY B 130 -29.58 -48.11 18.39
C GLY B 130 -29.46 -48.10 16.88
N TRP B 131 -29.69 -46.93 16.28
CA TRP B 131 -29.80 -46.80 14.83
C TRP B 131 -28.48 -46.51 14.15
N TYR B 132 -28.32 -47.07 12.95
CA TYR B 132 -27.12 -46.86 12.15
C TYR B 132 -27.52 -46.68 10.70
N SER B 133 -27.05 -45.61 10.06
CA SER B 133 -27.16 -45.46 8.62
C SER B 133 -25.93 -46.06 7.95
N ILE B 134 -26.13 -47.13 7.19
CA ILE B 134 -25.04 -47.80 6.50
C ILE B 134 -24.43 -46.86 5.46
N SER B 135 -25.28 -46.23 4.65
CA SER B 135 -24.84 -45.31 3.59
C SER B 135 -24.04 -44.12 4.13
N ASP B 136 -24.54 -43.52 5.19
CA ASP B 136 -23.88 -42.35 5.79
C ASP B 136 -22.77 -42.73 6.77
N GLU B 137 -22.63 -44.02 7.04
CA GLU B 137 -21.61 -44.51 8.00
C GLU B 137 -21.71 -43.78 9.34
N SER B 138 -22.94 -43.51 9.79
CA SER B 138 -23.20 -42.71 11.00
C SER B 138 -24.13 -43.44 11.96
N PHE B 139 -23.84 -43.31 13.25
CA PHE B 139 -24.79 -43.71 14.30
C PHE B 139 -25.79 -42.56 14.45
N LEU B 140 -27.05 -42.91 14.71
CA LEU B 140 -28.12 -41.92 14.79
C LEU B 140 -28.92 -42.13 16.06
N THR B 141 -29.37 -41.03 16.66
CA THR B 141 -30.21 -41.11 17.86
C THR B 141 -31.68 -41.25 17.43
N PRO B 142 -32.55 -41.66 18.37
CA PRO B 142 -33.97 -41.82 18.00
C PRO B 142 -34.64 -40.55 17.46
N GLN B 143 -34.15 -39.37 17.85
CA GLN B 143 -34.74 -38.10 17.40
C GLN B 143 -34.21 -37.64 16.05
N ASN B 144 -33.24 -38.36 15.49
CA ASN B 144 -32.70 -38.04 14.17
C ASN B 144 -33.14 -39.04 13.10
N ILE B 145 -34.26 -39.71 13.35
CA ILE B 145 -34.86 -40.61 12.35
C ILE B 145 -36.36 -40.34 12.22
N THR B 146 -36.92 -40.75 11.09
CA THR B 146 -38.37 -40.69 10.86
C THR B 146 -38.78 -41.73 9.80
N ASP B 147 -40.09 -41.92 9.65
CA ASP B 147 -40.63 -42.97 8.76
C ASP B 147 -40.36 -42.69 7.28
N GLY B 148 -40.19 -43.77 6.53
CA GLY B 148 -39.95 -43.68 5.08
C GLY B 148 -39.93 -45.07 4.45
N VAL B 149 -39.76 -45.11 3.13
CA VAL B 149 -39.71 -46.37 2.40
C VAL B 149 -38.31 -46.53 1.80
N ASP B 150 -37.86 -47.78 1.72
CA ASP B 150 -36.51 -48.09 1.21
C ASP B 150 -36.42 -47.96 -0.32
N LYS B 157 -37.63 -47.29 8.63
CA LYS B 157 -37.35 -45.88 8.93
C LYS B 157 -36.06 -45.41 8.27
N VAL B 158 -35.95 -44.10 8.11
CA VAL B 158 -34.82 -43.47 7.39
C VAL B 158 -34.26 -42.30 8.19
N SER B 159 -33.14 -41.76 7.71
CA SER B 159 -32.49 -40.61 8.35
C SER B 159 -33.30 -39.32 8.18
N LEU B 160 -32.94 -38.30 8.96
CA LEU B 160 -33.56 -36.97 8.89
C LEU B 160 -32.67 -36.00 8.10
N GLU B 161 -31.35 -36.13 8.28
CA GLU B 161 -30.36 -35.32 7.56
C GLU B 161 -30.30 -35.71 6.09
N SER B 162 -29.94 -36.97 5.82
CA SER B 162 -30.13 -37.56 4.48
C SER B 162 -31.48 -38.27 4.48
N GLY B 163 -31.78 -38.99 3.40
CA GLY B 163 -33.02 -39.77 3.32
C GLY B 163 -32.77 -41.27 3.38
N HIS B 164 -31.57 -41.66 3.77
CA HIS B 164 -31.14 -43.06 3.67
C HIS B 164 -31.68 -43.92 4.80
N VAL B 165 -31.80 -45.23 4.52
CA VAL B 165 -32.40 -46.18 5.46
C VAL B 165 -31.49 -46.52 6.65
N VAL B 166 -32.12 -46.81 7.79
CA VAL B 166 -31.40 -47.15 9.03
C VAL B 166 -31.85 -48.50 9.60
N THR B 167 -30.96 -49.15 10.34
CA THR B 167 -31.20 -50.44 10.96
C THR B 167 -30.95 -50.29 12.46
N TRP B 168 -31.73 -50.99 13.29
CA TRP B 168 -31.38 -51.10 14.71
C TRP B 168 -30.30 -52.17 14.85
N VAL B 169 -29.20 -51.82 15.52
CA VAL B 169 -28.08 -52.76 15.70
C VAL B 169 -27.64 -52.88 17.15
N SER B 170 -26.95 -53.98 17.42
CA SER B 170 -26.36 -54.22 18.73
C SER B 170 -24.92 -54.67 18.48
N GLU B 171 -23.97 -53.81 18.83
CA GLU B 171 -22.58 -53.99 18.41
C GLU B 171 -21.64 -53.41 19.43
N GLU B 172 -20.55 -54.12 19.69
CA GLU B 172 -19.42 -53.54 20.41
C GLU B 172 -18.78 -52.47 19.53
N ASN B 173 -18.35 -51.38 20.17
CA ASN B 173 -17.81 -50.22 19.47
C ASN B 173 -16.87 -49.41 20.33
N TYR B 174 -15.83 -48.84 19.73
CA TYR B 174 -14.86 -48.07 20.48
C TYR B 174 -15.22 -46.61 20.36
N MET B 175 -15.25 -45.93 21.50
CA MET B 175 -15.55 -44.50 21.55
C MET B 175 -14.37 -43.72 22.11
N PHE B 176 -14.07 -42.60 21.47
CA PHE B 176 -13.14 -41.63 22.03
C PHE B 176 -13.93 -40.58 22.83
N ARG B 177 -13.52 -40.36 24.08
CA ARG B 177 -14.29 -39.54 25.02
C ARG B 177 -14.09 -38.04 24.77
N LEU B 178 -14.46 -37.61 23.57
CA LEU B 178 -14.25 -36.25 23.14
C LEU B 178 -14.93 -35.23 24.05
N SER B 179 -16.07 -35.60 24.63
CA SER B 179 -16.81 -34.72 25.53
C SER B 179 -15.96 -34.22 26.68
N ALA B 180 -15.01 -35.02 27.15
CA ALA B 180 -14.13 -34.62 28.26
C ALA B 180 -13.01 -33.64 27.88
N PHE B 181 -12.88 -33.30 26.59
CA PHE B 181 -11.85 -32.36 26.13
C PHE B 181 -12.31 -30.93 25.89
N ARG B 182 -13.58 -30.64 26.16
CA ARG B 182 -14.13 -29.32 25.89
C ARG B 182 -13.32 -28.17 26.52
N GLU B 183 -13.08 -28.25 27.82
CA GLU B 183 -12.40 -27.18 28.55
C GLU B 183 -10.96 -26.99 28.06
N ARG B 184 -10.23 -28.08 27.85
CA ARG B 184 -8.86 -27.99 27.36
C ARG B 184 -8.80 -27.44 25.93
N LEU B 185 -9.76 -27.78 25.09
CA LEU B 185 -9.80 -27.19 23.75
C LEU B 185 -10.08 -25.69 23.83
N LEU B 186 -11.04 -25.30 24.65
CA LEU B 186 -11.35 -23.87 24.79
C LEU B 186 -10.14 -23.09 25.31
N GLU B 187 -9.40 -23.66 26.26
CA GLU B 187 -8.18 -23.06 26.76
C GLU B 187 -7.15 -22.85 25.64
N TRP B 188 -7.03 -23.86 24.78
CA TRP B 188 -6.10 -23.79 23.66
C TRP B 188 -6.46 -22.69 22.65
N TYR B 189 -7.73 -22.59 22.30
CA TYR B 189 -8.15 -21.53 21.37
C TYR B 189 -7.89 -20.14 21.96
N HIS B 190 -8.22 -19.95 23.23
CA HIS B 190 -8.09 -18.64 23.81
CA HIS B 190 -8.10 -18.65 23.89
C HIS B 190 -6.62 -18.26 24.07
N ALA B 191 -5.80 -19.24 24.42
CA ALA B 191 -4.37 -18.98 24.62
C ALA B 191 -3.59 -18.79 23.30
N ASN B 192 -4.16 -19.23 22.19
CA ASN B 192 -3.49 -19.14 20.90
C ASN B 192 -4.42 -18.54 19.87
N PRO B 193 -4.73 -17.25 20.01
CA PRO B 193 -5.83 -16.68 19.23
C PRO B 193 -5.59 -16.56 17.72
N GLY B 194 -4.41 -16.94 17.24
CA GLY B 194 -4.13 -17.00 15.81
C GLY B 194 -4.04 -18.43 15.29
N CYS B 195 -4.44 -19.41 16.09
CA CYS B 195 -4.22 -20.82 15.71
C CYS B 195 -5.17 -21.34 14.61
N ILE B 196 -6.27 -20.64 14.36
CA ILE B 196 -7.16 -20.96 13.26
C ILE B 196 -7.39 -19.71 12.44
N VAL B 197 -7.26 -19.84 11.13
CA VAL B 197 -7.37 -18.74 10.21
C VAL B 197 -8.26 -19.17 9.06
N PRO B 198 -9.07 -18.27 8.51
CA PRO B 198 -9.34 -16.88 8.90
C PRO B 198 -10.22 -16.81 10.15
N GLU B 199 -10.38 -15.60 10.65
CA GLU B 199 -10.86 -15.37 12.01
C GLU B 199 -12.29 -15.85 12.21
N PHE B 200 -13.18 -15.59 11.25
CA PHE B 200 -14.58 -16.01 11.40
C PHE B 200 -14.72 -17.54 11.52
N ARG B 201 -13.82 -18.28 10.89
CA ARG B 201 -13.85 -19.73 11.02
C ARG B 201 -13.37 -20.16 12.39
N ARG B 202 -12.45 -19.39 12.95
CA ARG B 202 -11.99 -19.63 14.30
C ARG B 202 -13.12 -19.44 15.31
N ARG B 203 -13.90 -18.38 15.12
CA ARG B 203 -15.05 -18.08 15.98
CA ARG B 203 -15.02 -18.12 16.02
C ARG B 203 -16.07 -19.21 15.90
N GLU B 204 -16.33 -19.68 14.68
CA GLU B 204 -17.28 -20.78 14.45
C GLU B 204 -16.88 -22.02 15.26
N VAL B 205 -15.60 -22.36 15.28
CA VAL B 205 -15.15 -23.53 16.00
C VAL B 205 -15.34 -23.32 17.48
N ILE B 206 -15.02 -22.12 17.97
CA ILE B 206 -15.15 -21.82 19.38
C ILE B 206 -16.62 -21.91 19.83
N ARG B 207 -17.55 -21.34 19.06
N ARG B 207 -17.52 -21.32 19.05
CA ARG B 207 -18.96 -21.41 19.42
CA ARG B 207 -18.97 -21.41 19.31
C ARG B 207 -19.46 -22.86 19.44
C ARG B 207 -19.43 -22.86 19.46
N ALA B 208 -18.90 -23.71 18.58
CA ALA B 208 -19.28 -25.10 18.51
C ALA B 208 -18.84 -25.84 19.75
N VAL B 209 -17.58 -25.67 20.13
CA VAL B 209 -17.07 -26.36 21.30
C VAL B 209 -17.77 -25.88 22.57
N GLU B 210 -18.08 -24.59 22.64
CA GLU B 210 -18.79 -24.03 23.80
C GLU B 210 -20.14 -24.70 24.04
N LYS B 211 -20.83 -25.03 22.95
CA LYS B 211 -22.10 -25.76 23.04
C LYS B 211 -21.99 -27.15 23.64
N GLY B 212 -20.78 -27.71 23.67
CA GLY B 212 -20.58 -29.06 24.21
C GLY B 212 -20.29 -30.03 23.08
N LEU B 213 -19.55 -31.08 23.40
CA LEU B 213 -19.10 -32.06 22.40
C LEU B 213 -19.60 -33.44 22.77
N PRO B 214 -20.15 -34.16 21.78
CA PRO B 214 -20.48 -35.55 22.00
C PRO B 214 -19.22 -36.38 21.86
N ASP B 215 -19.23 -37.58 22.44
CA ASP B 215 -18.13 -38.52 22.23
C ASP B 215 -18.15 -39.01 20.78
N LEU B 216 -17.04 -39.58 20.36
CA LEU B 216 -16.78 -39.83 18.96
C LEU B 216 -16.47 -41.30 18.73
N SER B 217 -17.21 -41.95 17.84
CA SER B 217 -16.96 -43.35 17.54
C SER B 217 -15.74 -43.48 16.64
N VAL B 218 -14.76 -44.28 17.06
CA VAL B 218 -13.49 -44.39 16.32
C VAL B 218 -13.22 -45.76 15.70
N SER B 219 -14.16 -46.69 15.80
CA SER B 219 -14.06 -47.96 15.12
C SER B 219 -15.35 -48.32 14.40
N ARG B 220 -15.25 -49.27 13.48
CA ARG B 220 -16.40 -49.91 12.84
C ARG B 220 -16.12 -51.38 12.75
N ALA B 221 -17.16 -52.20 12.66
CA ALA B 221 -16.97 -53.64 12.54
C ALA B 221 -16.30 -53.95 11.20
N ARG B 222 -15.46 -54.98 11.16
CA ARG B 222 -14.71 -55.27 9.94
C ARG B 222 -15.60 -55.52 8.72
N ALA B 223 -16.71 -56.23 8.90
CA ALA B 223 -17.63 -56.49 7.78
C ALA B 223 -18.21 -55.20 7.18
N THR B 224 -18.51 -54.23 8.04
CA THR B 224 -18.96 -52.88 7.60
C THR B 224 -17.99 -52.23 6.60
N LEU B 225 -16.69 -52.38 6.85
CA LEU B 225 -15.66 -51.77 6.02
C LEU B 225 -15.13 -52.70 4.92
N HIS B 226 -15.75 -53.86 4.75
CA HIS B 226 -15.30 -54.86 3.80
C HIS B 226 -13.86 -55.25 4.06
N ASN B 227 -13.48 -55.27 5.32
CA ASN B 227 -12.12 -55.59 5.72
C ASN B 227 -11.03 -54.72 5.08
N TRP B 228 -11.38 -53.54 4.60
CA TRP B 228 -10.40 -52.69 3.98
C TRP B 228 -10.08 -51.49 4.88
N ALA B 229 -9.29 -51.77 5.92
CA ALA B 229 -8.95 -50.81 6.97
C ALA B 229 -7.88 -51.38 7.90
N ILE B 230 -7.41 -50.58 8.86
CA ILE B 230 -6.39 -51.00 9.83
C ILE B 230 -7.03 -51.64 11.06
N PRO B 231 -6.59 -52.85 11.46
CA PRO B 231 -7.17 -53.50 12.65
C PRO B 231 -7.00 -52.72 13.95
N VAL B 232 -8.02 -52.75 14.79
CA VAL B 232 -7.85 -52.29 16.16
C VAL B 232 -6.81 -53.18 16.85
N PRO B 233 -5.75 -52.57 17.42
CA PRO B 233 -4.75 -53.30 18.21
C PRO B 233 -5.40 -54.20 19.25
N GLY B 234 -5.13 -55.49 19.19
CA GLY B 234 -5.68 -56.44 20.16
C GLY B 234 -7.11 -56.85 19.90
N ASN B 235 -7.73 -56.36 18.83
CA ASN B 235 -9.10 -56.74 18.52
C ASN B 235 -9.37 -56.83 17.02
N PRO B 236 -9.00 -57.97 16.43
CA PRO B 236 -9.09 -58.17 14.97
C PRO B 236 -10.51 -58.06 14.40
N ASP B 237 -11.54 -58.14 15.23
CA ASP B 237 -12.91 -57.97 14.74
C ASP B 237 -13.29 -56.55 14.39
N HIS B 238 -12.49 -55.58 14.82
CA HIS B 238 -12.84 -54.17 14.65
C HIS B 238 -11.74 -53.44 13.92
N VAL B 240 -10.02 -49.52 12.78
CA VAL B 240 -9.86 -48.12 13.04
C VAL B 240 -10.58 -47.34 11.95
N TYR B 241 -11.47 -46.45 12.36
CA TYR B 241 -12.29 -45.67 11.43
C TYR B 241 -11.49 -44.44 10.97
N VAL B 242 -12.09 -43.58 10.15
CA VAL B 242 -11.33 -42.53 9.46
C VAL B 242 -10.55 -41.59 10.39
N TRP B 243 -11.12 -41.26 11.54
CA TRP B 243 -10.57 -40.17 12.37
C TRP B 243 -9.12 -40.44 12.80
N LEU B 244 -8.89 -41.58 13.41
CA LEU B 244 -7.54 -41.93 13.88
C LEU B 244 -6.63 -42.53 12.78
N ASP B 245 -7.19 -42.82 11.63
CA ASP B 245 -6.42 -43.27 10.49
C ASP B 245 -5.90 -42.03 9.71
N ALA B 246 -6.83 -41.26 9.17
CA ALA B 246 -6.46 -40.17 8.28
C ALA B 246 -5.68 -39.06 8.98
N LEU B 247 -6.18 -38.56 10.11
CA LEU B 247 -5.56 -37.41 10.76
C LEU B 247 -4.15 -37.74 11.22
N THR B 248 -3.94 -38.98 11.61
CA THR B 248 -2.64 -39.45 12.05
C THR B 248 -1.53 -39.36 11.01
N ASN B 249 -1.89 -39.17 9.73
CA ASN B 249 -0.91 -39.10 8.66
C ASN B 249 0.13 -38.03 8.92
N TYR B 250 -0.31 -36.93 9.55
CA TYR B 250 0.57 -35.82 9.88
C TYR B 250 1.66 -36.26 10.88
N LEU B 251 1.30 -37.12 11.82
CA LEU B 251 2.27 -37.64 12.78
C LEU B 251 3.23 -38.62 12.11
N THR B 252 2.69 -39.51 11.29
CA THR B 252 3.53 -40.46 10.56
C THR B 252 4.55 -39.70 9.72
N GLY B 253 4.08 -38.78 8.90
CA GLY B 253 4.95 -37.99 8.02
C GLY B 253 6.06 -37.30 8.78
N SER B 254 5.74 -36.81 9.98
CA SER B 254 6.74 -36.12 10.81
C SER B 254 7.85 -37.03 11.29
N ARG B 255 7.65 -38.33 11.18
CA ARG B 255 8.59 -39.33 11.68
C ARG B 255 9.25 -40.14 10.59
N LEU B 256 8.98 -39.82 9.33
CA LEU B 256 9.57 -40.59 8.24
C LEU B 256 10.86 -39.98 7.73
N ARG B 257 11.94 -40.76 7.77
CA ARG B 257 13.13 -40.45 6.99
C ARG B 257 12.90 -40.78 5.50
N VAL B 258 13.25 -39.84 4.63
CA VAL B 258 12.95 -39.95 3.20
C VAL B 258 14.23 -39.88 2.39
N ASP B 259 14.40 -40.79 1.44
CA ASP B 259 15.59 -40.78 0.58
C ASP B 259 15.48 -39.70 -0.50
N GLU B 260 16.51 -39.61 -1.33
CA GLU B 260 16.57 -38.64 -2.43
C GLU B 260 15.42 -38.78 -3.43
N SER B 261 14.98 -40.01 -3.67
CA SER B 261 13.96 -40.28 -4.67
C SER B 261 12.52 -40.19 -4.12
N GLY B 262 12.35 -39.64 -2.92
CA GLY B 262 11.04 -39.45 -2.32
C GLY B 262 10.45 -40.62 -1.55
N LYS B 263 11.18 -41.73 -1.47
CA LYS B 263 10.70 -42.93 -0.77
C LYS B 263 11.08 -42.93 0.71
N GLU B 264 10.14 -43.32 1.56
CA GLU B 264 10.41 -43.43 3.00
C GLU B 264 11.31 -44.63 3.26
N VAL B 265 12.29 -44.44 4.11
CA VAL B 265 13.26 -45.49 4.37
C VAL B 265 13.25 -45.94 5.84
N SER B 266 12.62 -45.16 6.71
CA SER B 266 12.73 -45.44 8.13
C SER B 266 11.72 -44.62 8.92
N LEU B 267 11.12 -45.25 9.92
CA LEU B 267 10.26 -44.58 10.88
C LEU B 267 11.02 -44.39 12.20
N VAL B 268 11.28 -43.14 12.59
CA VAL B 268 11.95 -42.89 13.86
C VAL B 268 10.95 -43.08 15.01
N ASP B 269 11.45 -43.45 16.19
CA ASP B 269 10.60 -43.63 17.37
C ASP B 269 10.10 -42.29 17.90
N ASP B 270 11.00 -41.33 17.95
CA ASP B 270 10.75 -40.03 18.59
C ASP B 270 10.59 -38.91 17.54
N PHE B 271 9.37 -38.38 17.43
CA PHE B 271 9.11 -37.28 16.50
C PHE B 271 10.15 -36.16 16.61
N ASN B 272 10.62 -35.85 17.82
CA ASN B 272 11.60 -34.78 17.99
C ASN B 272 12.88 -34.99 17.22
N GLU B 273 13.19 -36.23 16.86
CA GLU B 273 14.44 -36.50 16.16
C GLU B 273 14.53 -35.76 14.81
N LEU B 274 13.40 -35.59 14.14
CA LEU B 274 13.37 -34.95 12.82
C LEU B 274 12.93 -33.48 12.87
N GLU B 275 12.45 -33.04 14.02
CA GLU B 275 12.15 -31.62 14.27
C GLU B 275 11.02 -31.06 13.41
N ARG B 276 10.05 -31.90 13.04
CA ARG B 276 8.92 -31.47 12.22
C ARG B 276 7.63 -31.32 13.03
N PHE B 277 7.27 -32.35 13.79
CA PHE B 277 6.04 -32.30 14.56
C PHE B 277 6.20 -31.27 15.67
N PRO B 278 5.14 -30.50 15.95
CA PRO B 278 3.85 -30.44 15.28
C PRO B 278 3.90 -29.52 14.05
N ALA B 279 2.88 -29.62 13.20
CA ALA B 279 2.82 -28.82 11.98
C ALA B 279 2.82 -27.33 12.31
N ASP B 280 3.56 -26.57 11.54
CA ASP B 280 3.52 -25.12 11.68
C ASP B 280 2.25 -24.61 11.00
N VAL B 281 1.87 -25.23 9.89
CA VAL B 281 0.63 -24.91 9.20
C VAL B 281 -0.02 -26.15 8.61
N HIS B 282 -1.26 -26.41 8.99
CA HIS B 282 -2.09 -27.40 8.32
C HIS B 282 -3.00 -26.65 7.34
N VAL B 283 -2.85 -26.92 6.05
CA VAL B 283 -3.76 -26.34 5.06
C VAL B 283 -4.96 -27.27 4.90
N ILE B 284 -6.17 -26.73 4.96
CA ILE B 284 -7.39 -27.52 4.72
C ILE B 284 -8.49 -26.73 4.03
N GLY B 285 -9.45 -27.46 3.47
CA GLY B 285 -10.73 -26.86 3.06
C GLY B 285 -11.66 -26.67 4.25
N LYS B 286 -12.56 -25.71 4.15
CA LYS B 286 -13.51 -25.39 5.23
C LYS B 286 -14.36 -26.57 5.69
N ASP B 287 -14.60 -27.53 4.80
CA ASP B 287 -15.43 -28.71 5.08
C ASP B 287 -14.84 -29.69 6.10
N ILE B 288 -13.54 -29.61 6.37
CA ILE B 288 -12.94 -30.53 7.32
C ILE B 288 -12.36 -29.80 8.55
N LEU B 289 -12.76 -28.55 8.73
CA LEU B 289 -12.24 -27.72 9.82
C LEU B 289 -12.54 -28.31 11.20
N LYS B 290 -13.76 -28.79 11.39
N LYS B 290 -13.75 -28.80 11.41
CA LYS B 290 -14.15 -29.43 12.65
CA LYS B 290 -14.09 -29.38 12.70
C LYS B 290 -13.19 -30.57 13.00
C LYS B 290 -13.20 -30.57 13.02
N PHE B 291 -12.89 -31.40 12.01
CA PHE B 291 -12.05 -32.58 12.24
C PHE B 291 -10.63 -32.18 12.64
N HIS B 292 -10.12 -31.11 12.03
CA HIS B 292 -8.75 -30.65 12.27
C HIS B 292 -8.60 -29.75 13.50
N ALA B 293 -9.62 -28.95 13.81
CA ALA B 293 -9.56 -28.00 14.92
C ALA B 293 -10.18 -28.52 16.21
N ILE B 294 -10.85 -29.68 16.16
CA ILE B 294 -11.52 -30.23 17.35
C ILE B 294 -11.03 -31.65 17.63
N TYR B 295 -11.24 -32.58 16.70
CA TYR B 295 -10.83 -33.98 16.89
C TYR B 295 -9.32 -34.15 17.02
N TRP B 296 -8.61 -33.64 16.03
CA TRP B 296 -7.14 -33.78 15.96
C TRP B 296 -6.46 -33.29 17.25
N PRO B 297 -6.70 -32.03 17.65
CA PRO B 297 -6.04 -31.60 18.89
C PRO B 297 -6.50 -32.36 20.15
N ALA B 298 -7.72 -32.88 20.15
CA ALA B 298 -8.17 -33.69 21.29
C ALA B 298 -7.33 -34.97 21.34
N PHE B 299 -7.12 -35.61 20.19
CA PHE B 299 -6.26 -36.79 20.12
C PHE B 299 -4.87 -36.46 20.64
N LEU B 300 -4.35 -35.32 20.23
CA LEU B 300 -2.99 -34.90 20.61
C LEU B 300 -2.92 -34.59 22.11
N LEU B 301 -3.93 -33.90 22.62
CA LEU B 301 -4.02 -33.67 24.05
C LEU B 301 -4.04 -35.00 24.84
N SER B 302 -4.84 -35.95 24.41
CA SER B 302 -4.89 -37.24 25.08
C SER B 302 -3.50 -37.89 25.10
N ALA B 303 -2.84 -37.87 23.94
CA ALA B 303 -1.55 -38.50 23.79
C ALA B 303 -0.37 -37.74 24.42
N GLY B 304 -0.58 -36.49 24.83
CA GLY B 304 0.50 -35.69 25.40
C GLY B 304 1.47 -35.18 24.34
N LEU B 305 0.95 -35.03 23.12
CA LEU B 305 1.71 -34.55 21.99
C LEU B 305 1.44 -33.07 21.80
N PRO B 306 2.42 -32.34 21.24
CA PRO B 306 2.19 -30.92 21.03
C PRO B 306 1.18 -30.65 19.92
N LEU B 307 0.53 -29.50 20.00
CA LEU B 307 -0.52 -29.13 19.08
C LEU B 307 0.02 -28.28 17.91
N PRO B 308 -0.65 -28.35 16.75
CA PRO B 308 -0.26 -27.55 15.59
C PRO B 308 -0.30 -26.06 15.89
N LYS B 309 0.59 -25.28 15.29
CA LYS B 309 0.61 -23.85 15.51
C LYS B 309 -0.56 -23.18 14.84
N LYS B 310 -0.83 -23.56 13.59
CA LYS B 310 -1.87 -22.92 12.80
C LYS B 310 -2.62 -23.90 11.94
N ILE B 311 -3.90 -23.62 11.74
CA ILE B 311 -4.76 -24.35 10.82
C ILE B 311 -5.41 -23.32 9.96
N VAL B 312 -5.21 -23.40 8.64
CA VAL B 312 -5.75 -22.43 7.69
C VAL B 312 -6.77 -23.14 6.82
N ALA B 313 -8.00 -22.63 6.83
CA ALA B 313 -9.11 -23.24 6.11
C ALA B 313 -9.60 -22.33 5.00
N HIS B 314 -9.59 -22.82 3.78
CA HIS B 314 -9.96 -22.00 2.61
C HIS B 314 -11.35 -22.38 2.11
N GLY B 315 -11.80 -21.66 1.08
CA GLY B 315 -13.11 -21.87 0.46
C GLY B 315 -13.11 -22.81 -0.75
N TRP B 316 -14.25 -22.85 -1.44
CA TRP B 316 -14.51 -23.76 -2.56
C TRP B 316 -14.66 -22.97 -3.85
N TRP B 317 -13.94 -23.35 -4.90
CA TRP B 317 -14.04 -22.67 -6.20
C TRP B 317 -15.34 -22.96 -6.95
N THR B 318 -15.84 -21.93 -7.65
CA THR B 318 -16.81 -22.10 -8.72
C THR B 318 -16.13 -21.73 -10.04
N LYS B 319 -16.77 -22.05 -11.15
CA LYS B 319 -16.38 -21.54 -12.47
C LYS B 319 -17.57 -20.91 -13.16
N ASP B 320 -17.38 -19.71 -13.73
CA ASP B 320 -18.45 -18.93 -14.35
C ASP B 320 -19.65 -18.77 -13.43
N ARG B 321 -19.37 -18.60 -12.14
CA ARG B 321 -20.38 -18.41 -11.08
C ARG B 321 -21.33 -19.60 -10.91
N LYS B 322 -20.95 -20.79 -11.38
CA LYS B 322 -21.76 -21.98 -11.20
C LYS B 322 -20.93 -23.07 -10.54
N LYS B 323 -21.60 -24.09 -10.05
CA LYS B 323 -20.94 -25.21 -9.38
C LYS B 323 -20.12 -26.00 -10.40
N ILE B 324 -18.91 -26.37 -10.02
CA ILE B 324 -18.04 -27.14 -10.90
C ILE B 324 -18.49 -28.60 -10.85
N SER B 325 -18.70 -29.19 -12.03
CA SER B 325 -19.31 -30.52 -12.14
C SER B 325 -19.14 -31.12 -13.54
N LYS B 326 -18.73 -32.39 -13.61
CA LYS B 326 -18.56 -33.09 -14.89
C LYS B 326 -19.90 -33.17 -15.61
N SER B 327 -20.88 -33.84 -14.98
CA SER B 327 -22.29 -33.68 -15.33
C SER B 327 -22.70 -32.27 -14.89
N LEU B 328 -23.80 -31.75 -15.43
CA LEU B 328 -24.13 -30.32 -15.30
C LEU B 328 -23.18 -29.43 -16.12
N GLY B 329 -22.25 -30.05 -16.85
CA GLY B 329 -21.49 -29.40 -17.92
C GLY B 329 -20.62 -28.22 -17.54
N ASN B 330 -20.05 -28.23 -16.34
CA ASN B 330 -19.16 -27.14 -15.93
C ASN B 330 -17.86 -27.68 -15.36
N VAL B 331 -16.95 -28.03 -16.27
CA VAL B 331 -15.65 -28.59 -15.91
C VAL B 331 -14.63 -27.49 -15.69
N PHE B 332 -13.81 -27.65 -14.66
CA PHE B 332 -12.63 -26.79 -14.46
C PHE B 332 -11.40 -27.65 -14.21
N ASP B 333 -10.65 -27.89 -15.28
CA ASP B 333 -9.48 -28.76 -15.28
C ASP B 333 -8.21 -27.91 -15.17
N PRO B 334 -7.59 -27.90 -13.99
CA PRO B 334 -6.49 -26.98 -13.79
C PRO B 334 -5.29 -27.23 -14.70
N VAL B 335 -5.00 -28.48 -15.00
CA VAL B 335 -3.89 -28.79 -15.89
C VAL B 335 -4.20 -28.18 -17.24
N GLU B 336 -5.42 -28.40 -17.72
CA GLU B 336 -5.86 -27.90 -19.03
C GLU B 336 -5.72 -26.39 -19.14
N LYS B 337 -6.17 -25.67 -18.11
CA LYS B 337 -6.07 -24.20 -18.11
C LYS B 337 -4.63 -23.73 -18.00
N ALA B 338 -3.82 -24.46 -17.23
CA ALA B 338 -2.38 -24.20 -17.14
C ALA B 338 -1.69 -24.36 -18.50
N GLU B 339 -2.05 -25.40 -19.24
CA GLU B 339 -1.51 -25.60 -20.57
C GLU B 339 -1.87 -24.42 -21.46
N GLU B 340 -3.08 -23.88 -21.28
CA GLU B 340 -3.58 -22.80 -22.11
C GLU B 340 -2.98 -21.44 -21.77
N PHE B 341 -2.94 -21.11 -20.48
CA PHE B 341 -2.51 -19.78 -20.01
C PHE B 341 -1.15 -19.74 -19.34
N GLY B 342 -0.63 -20.89 -18.94
CA GLY B 342 0.63 -20.96 -18.22
C GLY B 342 0.43 -21.40 -16.79
N TYR B 343 1.38 -22.20 -16.32
CA TYR B 343 1.34 -22.76 -14.97
C TYR B 343 1.47 -21.68 -13.88
N ASP B 344 2.54 -20.91 -13.94
CA ASP B 344 2.76 -19.85 -12.96
C ASP B 344 1.62 -18.84 -12.98
N ALA B 345 1.09 -18.57 -14.18
CA ALA B 345 -0.01 -17.63 -14.33
C ALA B 345 -1.31 -18.12 -13.69
N LEU B 346 -1.65 -19.39 -13.91
CA LEU B 346 -2.82 -19.97 -13.25
C LEU B 346 -2.65 -19.96 -11.74
N LYS B 347 -1.46 -20.32 -11.27
CA LYS B 347 -1.17 -20.37 -9.84
C LYS B 347 -1.33 -18.99 -9.25
N TYR B 348 -0.78 -17.99 -9.94
CA TYR B 348 -0.95 -16.60 -9.55
C TYR B 348 -2.43 -16.24 -9.42
N PHE B 349 -3.21 -16.57 -10.44
CA PHE B 349 -4.63 -16.24 -10.42
C PHE B 349 -5.36 -16.87 -9.23
N LEU B 350 -5.11 -18.15 -8.98
CA LEU B 350 -5.80 -18.86 -7.89
C LEU B 350 -5.47 -18.26 -6.53
N LEU B 351 -4.28 -17.73 -6.40
CA LEU B 351 -3.81 -17.19 -5.12
C LEU B 351 -4.11 -15.70 -4.96
N ARG B 352 -4.30 -14.99 -6.07
CA ARG B 352 -4.57 -13.56 -6.05
C ARG B 352 -6.06 -13.26 -6.06
N GLU B 353 -6.80 -14.08 -6.79
CA GLU B 353 -8.20 -13.76 -7.11
C GLU B 353 -9.08 -13.80 -5.89
N SER B 354 -8.80 -14.73 -5.00
CA SER B 354 -9.59 -14.87 -3.80
C SER B 354 -8.72 -15.11 -2.59
N GLY B 355 -9.19 -14.66 -1.44
CA GLY B 355 -8.56 -14.99 -0.17
C GLY B 355 -9.16 -16.27 0.37
N PHE B 356 -8.67 -16.68 1.54
CA PHE B 356 -9.12 -17.90 2.19
C PHE B 356 -10.49 -17.80 2.80
N SER B 357 -10.97 -16.58 3.01
CA SER B 357 -12.33 -16.32 3.49
C SER B 357 -13.39 -16.51 2.42
N ASP B 358 -12.99 -16.42 1.16
CA ASP B 358 -13.93 -16.41 0.06
C ASP B 358 -13.96 -17.75 -0.65
N ASP B 359 -15.10 -18.03 -1.26
CA ASP B 359 -15.22 -19.05 -2.27
C ASP B 359 -14.94 -18.37 -3.59
N GLY B 360 -13.73 -18.55 -4.10
CA GLY B 360 -13.32 -17.91 -5.34
C GLY B 360 -14.06 -18.39 -6.56
N ASP B 361 -14.07 -17.55 -7.60
CA ASP B 361 -14.72 -17.86 -8.88
C ASP B 361 -13.73 -17.70 -10.03
N TYR B 362 -13.56 -18.76 -10.82
CA TYR B 362 -12.70 -18.71 -12.00
C TYR B 362 -13.53 -18.34 -13.22
N SER B 363 -12.94 -17.52 -14.10
CA SER B 363 -13.39 -17.43 -15.49
C SER B 363 -12.21 -17.10 -16.39
N ASP B 364 -12.32 -17.42 -17.67
CA ASP B 364 -11.28 -17.11 -18.64
C ASP B 364 -11.09 -15.58 -18.76
N LYS B 365 -12.20 -14.87 -18.81
CA LYS B 365 -12.20 -13.42 -18.85
C LYS B 365 -11.38 -12.81 -17.71
N ASN B 366 -11.61 -13.30 -16.49
CA ASN B 366 -10.90 -12.77 -15.33
C ASN B 366 -9.45 -13.18 -15.25
N MET B 367 -9.20 -14.43 -15.64
CA MET B 367 -7.85 -14.97 -15.79
C MET B 367 -7.01 -14.13 -16.77
N ILE B 368 -7.60 -13.84 -17.93
CA ILE B 368 -6.94 -13.01 -18.92
C ILE B 368 -6.74 -11.57 -18.42
N ALA B 369 -7.71 -11.04 -17.68
CA ALA B 369 -7.60 -9.68 -17.13
C ALA B 369 -6.42 -9.57 -16.16
N ARG B 370 -6.22 -10.56 -15.31
CA ARG B 370 -5.07 -10.56 -14.38
C ARG B 370 -3.74 -10.88 -15.05
N LEU B 371 -3.76 -11.79 -16.00
CA LEU B 371 -2.58 -12.08 -16.80
C LEU B 371 -2.13 -10.84 -17.59
N ASN B 372 -3.04 -10.22 -18.32
CA ASN B 372 -2.71 -9.00 -19.07
C ASN B 372 -2.33 -7.80 -18.19
N GLY B 373 -3.13 -7.55 -17.16
CA GLY B 373 -3.00 -6.32 -16.36
C GLY B 373 -1.88 -6.35 -15.34
N GLU B 374 -1.75 -7.45 -14.61
CA GLU B 374 -0.78 -7.55 -13.54
C GLU B 374 0.52 -8.22 -14.00
N LEU B 375 0.42 -9.39 -14.61
CA LEU B 375 1.62 -10.14 -14.96
C LEU B 375 2.40 -9.57 -16.15
N ALA B 376 1.70 -9.22 -17.22
CA ALA B 376 2.35 -8.66 -18.40
C ALA B 376 2.61 -7.17 -18.25
N ASP B 377 1.55 -6.40 -17.99
CA ASP B 377 1.65 -4.93 -17.98
C ASP B 377 2.43 -4.39 -16.80
N THR B 378 2.28 -4.94 -15.62
CA THR B 378 3.00 -4.39 -14.49
C THR B 378 4.36 -5.07 -14.31
N LEU B 379 4.38 -6.39 -14.15
CA LEU B 379 5.63 -7.10 -13.88
C LEU B 379 6.50 -7.24 -15.13
N GLY B 380 5.94 -7.83 -16.17
CA GLY B 380 6.69 -8.12 -17.38
C GLY B 380 7.28 -6.90 -18.05
N ASN B 381 6.44 -5.87 -18.20
CA ASN B 381 6.84 -4.61 -18.81
C ASN B 381 8.00 -3.95 -18.07
N LEU B 382 7.95 -3.98 -16.75
CA LEU B 382 9.00 -3.42 -15.93
C LEU B 382 10.32 -4.19 -16.11
N VAL B 383 10.23 -5.52 -16.14
CA VAL B 383 11.41 -6.37 -16.34
C VAL B 383 12.10 -6.07 -17.68
N MET B 384 11.30 -5.87 -18.72
CA MET B 384 11.83 -5.55 -20.03
C MET B 384 12.47 -4.16 -20.04
N ARG B 385 11.81 -3.20 -19.42
CA ARG B 385 12.33 -1.82 -19.38
C ARG B 385 13.71 -1.74 -18.74
N CYS B 386 13.92 -2.38 -17.60
CA CYS B 386 15.20 -2.26 -16.90
C CYS B 386 16.31 -3.13 -17.51
N THR B 387 15.93 -4.04 -18.40
CA THR B 387 16.90 -4.90 -19.09
C THR B 387 17.07 -4.55 -20.57
N SER B 388 16.30 -3.58 -21.05
CA SER B 388 16.34 -3.16 -22.44
C SER B 388 17.70 -2.58 -22.83
N ALA B 389 18.23 -3.04 -23.95
CA ALA B 389 19.47 -2.51 -24.52
C ALA B 389 19.39 -1.01 -24.83
N LYS B 390 18.21 -0.50 -25.14
CA LYS B 390 18.04 0.93 -25.44
C LYS B 390 18.11 1.82 -24.21
N ILE B 391 17.93 1.21 -23.05
CA ILE B 391 17.91 1.94 -21.79
C ILE B 391 19.13 1.61 -20.92
N ASN B 392 19.35 0.32 -20.71
CA ASN B 392 20.52 -0.18 -20.01
C ASN B 392 21.57 -0.48 -21.07
N VAL B 393 22.24 0.57 -21.52
CA VAL B 393 23.08 0.45 -22.70
C VAL B 393 24.31 -0.42 -22.46
N ASN B 394 24.82 -0.49 -21.23
CA ASN B 394 25.99 -1.33 -20.95
C ASN B 394 25.67 -2.74 -20.47
N GLY B 395 24.38 -3.08 -20.39
CA GLY B 395 23.95 -4.42 -19.98
C GLY B 395 24.47 -4.81 -18.61
N GLU B 396 24.28 -3.94 -17.63
CA GLU B 396 24.79 -4.21 -16.29
C GLU B 396 24.01 -3.46 -15.21
N TRP B 397 24.32 -3.81 -13.96
CA TRP B 397 23.82 -3.10 -12.80
C TRP B 397 24.71 -1.87 -12.61
N PRO B 398 24.17 -0.66 -12.80
CA PRO B 398 25.04 0.49 -12.64
C PRO B 398 25.26 0.92 -11.20
N SER B 399 26.33 1.67 -11.01
CA SER B 399 26.70 2.19 -9.73
C SER B 399 25.95 3.51 -9.54
N PRO B 400 25.08 3.60 -8.54
CA PRO B 400 24.19 4.76 -8.47
C PRO B 400 24.90 6.03 -8.03
N ALA B 401 24.42 7.18 -8.47
CA ALA B 401 24.90 8.48 -8.00
C ALA B 401 24.06 8.89 -6.78
N ALA B 402 24.02 10.18 -6.45
CA ALA B 402 23.29 10.63 -5.25
C ALA B 402 21.77 10.43 -5.37
N TYR B 403 21.13 10.09 -4.25
CA TYR B 403 19.70 9.85 -4.24
C TYR B 403 18.89 11.12 -3.95
N THR B 404 17.84 11.34 -4.74
CA THR B 404 16.89 12.41 -4.45
C THR B 404 15.88 11.95 -3.39
N GLU B 405 15.01 12.86 -2.95
CA GLU B 405 13.96 12.47 -2.01
C GLU B 405 13.03 11.45 -2.65
N GLU B 406 12.69 11.67 -3.93
CA GLU B 406 11.85 10.72 -4.64
C GLU B 406 12.51 9.34 -4.70
N ASP B 407 13.80 9.29 -5.04
CA ASP B 407 14.55 8.05 -4.99
C ASP B 407 14.42 7.40 -3.61
N GLU B 408 14.64 8.16 -2.55
CA GLU B 408 14.62 7.60 -1.20
C GLU B 408 13.24 7.07 -0.82
N SER B 409 12.18 7.70 -1.33
CA SER B 409 10.83 7.24 -1.03
C SER B 409 10.60 5.85 -1.65
N LEU B 410 11.06 5.63 -2.87
CA LEU B 410 10.93 4.29 -3.49
C LEU B 410 11.80 3.24 -2.82
N ILE B 411 13.02 3.62 -2.51
CA ILE B 411 13.92 2.73 -1.78
C ILE B 411 13.30 2.31 -0.44
N GLN B 412 12.61 3.21 0.25
CA GLN B 412 11.99 2.86 1.53
C GLN B 412 10.93 1.78 1.33
N LEU B 413 10.17 1.88 0.25
CA LEU B 413 9.10 0.92 -0.02
C LEU B 413 9.69 -0.45 -0.26
N ILE B 414 10.82 -0.48 -0.96
CA ILE B 414 11.49 -1.74 -1.28
C ILE B 414 12.11 -2.32 -0.02
N LYS B 415 12.72 -1.49 0.80
CA LYS B 415 13.25 -1.96 2.09
C LYS B 415 12.16 -2.50 3.02
N ASP B 416 10.99 -1.88 2.99
CA ASP B 416 9.91 -2.25 3.89
C ASP B 416 9.20 -3.53 3.45
N LEU B 417 9.29 -3.82 2.16
CA LEU B 417 8.48 -4.88 1.56
C LEU B 417 8.69 -6.26 2.19
N PRO B 418 9.94 -6.68 2.39
CA PRO B 418 10.16 -8.03 2.92
C PRO B 418 9.49 -8.27 4.26
N GLY B 419 9.56 -7.32 5.17
CA GLY B 419 8.95 -7.46 6.48
C GLY B 419 7.42 -7.55 6.39
N THR B 420 6.84 -6.75 5.49
CA THR B 420 5.41 -6.78 5.25
C THR B 420 4.98 -8.11 4.66
N ALA B 421 5.67 -8.51 3.59
CA ALA B 421 5.35 -9.75 2.92
C ALA B 421 5.53 -10.94 3.87
N ASP B 422 6.57 -10.90 4.70
CA ASP B 422 6.81 -11.97 5.67
C ASP B 422 5.64 -12.14 6.64
N HIS B 423 5.14 -11.04 7.20
CA HIS B 423 4.00 -11.14 8.11
C HIS B 423 2.78 -11.75 7.44
N TYR B 424 2.50 -11.34 6.20
CA TYR B 424 1.37 -11.91 5.49
C TYR B 424 1.56 -13.40 5.20
N TYR B 425 2.76 -13.79 4.76
CA TYR B 425 3.03 -15.21 4.47
C TYR B 425 2.87 -16.04 5.72
N LEU B 426 3.18 -15.45 6.87
CA LEU B 426 3.13 -16.18 8.13
C LEU B 426 1.76 -16.33 8.76
N ILE B 427 0.79 -15.51 8.35
CA ILE B 427 -0.56 -15.54 8.93
C ILE B 427 -1.26 -16.90 8.82
N PRO B 428 -1.28 -17.51 7.63
CA PRO B 428 -0.88 -17.10 6.29
C PRO B 428 -1.99 -16.40 5.53
N ASP B 429 -1.64 -15.38 4.77
CA ASP B 429 -2.56 -14.68 3.87
C ASP B 429 -1.78 -14.37 2.60
N ILE B 430 -1.81 -15.31 1.67
CA ILE B 430 -0.97 -15.25 0.48
C ILE B 430 -1.49 -14.16 -0.47
N GLN B 431 -2.80 -13.99 -0.51
CA GLN B 431 -3.41 -12.96 -1.32
C GLN B 431 -2.88 -11.57 -0.95
N LYS B 432 -2.80 -11.29 0.35
CA LYS B 432 -2.23 -10.01 0.77
C LYS B 432 -0.72 -9.92 0.54
N ALA B 433 0.00 -11.03 0.68
CA ALA B 433 1.43 -11.00 0.36
C ALA B 433 1.60 -10.55 -1.08
N ILE B 434 0.82 -11.14 -1.99
CA ILE B 434 0.93 -10.81 -3.41
C ILE B 434 0.60 -9.34 -3.68
N ILE B 435 -0.50 -8.88 -3.09
CA ILE B 435 -0.93 -7.51 -3.26
C ILE B 435 0.16 -6.55 -2.79
N ALA B 436 0.73 -6.80 -1.62
CA ALA B 436 1.81 -5.95 -1.10
C ALA B 436 2.97 -5.87 -2.09
N VAL B 437 3.39 -7.02 -2.64
CA VAL B 437 4.49 -7.02 -3.59
C VAL B 437 4.10 -6.17 -4.80
N PHE B 438 2.92 -6.40 -5.32
CA PHE B 438 2.46 -5.67 -6.48
C PHE B 438 2.23 -4.17 -6.23
N ASP B 439 1.93 -3.78 -4.99
CA ASP B 439 1.88 -2.35 -4.68
C ASP B 439 3.28 -1.73 -4.95
N VAL B 440 4.32 -2.45 -4.59
CA VAL B 440 5.68 -1.97 -4.82
C VAL B 440 5.99 -1.99 -6.32
N LEU B 441 5.63 -3.05 -7.03
CA LEU B 441 5.83 -3.06 -8.48
C LEU B 441 5.15 -1.89 -9.18
N ARG B 442 3.91 -1.59 -8.80
CA ARG B 442 3.23 -0.42 -9.31
C ARG B 442 3.98 0.88 -9.00
N ALA B 443 4.54 0.99 -7.79
CA ALA B 443 5.29 2.20 -7.42
C ALA B 443 6.60 2.33 -8.22
N ILE B 444 7.27 1.21 -8.47
CA ILE B 444 8.46 1.22 -9.31
C ILE B 444 8.13 1.64 -10.73
N ASN B 445 7.09 1.05 -11.31
CA ASN B 445 6.65 1.49 -12.63
C ASN B 445 6.31 2.96 -12.71
N ALA B 446 5.64 3.48 -11.69
CA ALA B 446 5.28 4.89 -11.64
C ALA B 446 6.56 5.74 -11.59
N TYR B 447 7.53 5.34 -10.78
CA TYR B 447 8.85 5.98 -10.74
C TYR B 447 9.56 5.96 -12.11
N VAL B 448 9.59 4.81 -12.77
CA VAL B 448 10.21 4.71 -14.09
C VAL B 448 9.55 5.66 -15.08
N THR B 449 8.23 5.69 -15.08
CA THR B 449 7.48 6.55 -16.00
C THR B 449 7.79 7.99 -15.70
N ASP B 450 7.86 8.32 -14.41
CA ASP B 450 8.16 9.67 -13.98
C ASP B 450 9.57 10.10 -14.42
N MET B 451 10.53 9.17 -14.30
CA MET B 451 11.94 9.48 -14.58
C MET B 451 12.30 9.38 -16.08
N ALA B 452 11.46 8.68 -16.86
CA ALA B 452 11.69 8.52 -18.30
C ALA B 452 13.17 8.21 -18.62
N PRO B 453 13.68 7.07 -18.13
CA PRO B 453 15.11 6.77 -18.28
C PRO B 453 15.57 6.64 -19.72
N TRP B 454 14.63 6.35 -20.62
CA TRP B 454 14.93 6.26 -22.05
C TRP B 454 15.48 7.56 -22.63
N LYS B 455 15.02 8.69 -22.11
CA LYS B 455 15.54 10.01 -22.47
C LYS B 455 16.84 10.36 -21.76
N LEU B 456 17.01 9.87 -20.52
CA LEU B 456 18.20 10.17 -19.75
C LEU B 456 19.48 9.62 -20.39
N VAL B 457 19.33 8.58 -21.22
CA VAL B 457 20.42 8.02 -22.01
C VAL B 457 21.23 9.12 -22.71
N LYS B 458 20.54 9.95 -23.49
CA LYS B 458 21.21 11.07 -24.16
C LYS B 458 21.48 12.24 -23.20
N THR B 459 20.54 12.45 -22.30
CA THR B 459 20.40 13.72 -21.60
C THR B 459 21.20 13.82 -20.27
N ASP B 460 21.25 12.73 -19.50
CA ASP B 460 21.91 12.71 -18.19
C ASP B 460 22.26 11.27 -17.80
N PRO B 461 23.35 10.72 -18.37
CA PRO B 461 23.72 9.32 -18.08
C PRO B 461 24.00 9.07 -16.59
N GLU B 462 24.55 10.05 -15.87
CA GLU B 462 24.82 9.91 -14.44
C GLU B 462 23.51 9.65 -13.69
N ARG B 463 22.48 10.45 -13.96
CA ARG B 463 21.17 10.25 -13.34
C ARG B 463 20.56 8.89 -13.70
N LEU B 464 20.71 8.48 -14.95
CA LEU B 464 20.23 7.18 -15.41
C LEU B 464 20.79 6.05 -14.55
N ARG B 465 22.05 6.15 -14.16
CA ARG B 465 22.67 5.11 -13.36
C ARG B 465 21.89 4.92 -12.08
N THR B 466 21.58 6.02 -11.41
CA THR B 466 20.80 5.97 -10.18
C THR B 466 19.44 5.33 -10.44
N VAL B 467 18.74 5.83 -11.45
CA VAL B 467 17.37 5.36 -11.73
C VAL B 467 17.35 3.86 -12.08
N LEU B 468 18.33 3.43 -12.87
CA LEU B 468 18.43 2.03 -13.25
C LEU B 468 18.74 1.14 -12.08
N TYR B 469 19.70 1.55 -11.26
CA TYR B 469 20.07 0.76 -10.11
C TYR B 469 18.87 0.49 -9.20
N ILE B 470 18.11 1.53 -8.91
CA ILE B 470 16.97 1.40 -8.00
C ILE B 470 15.92 0.47 -8.60
N THR B 471 15.65 0.64 -9.88
CA THR B 471 14.67 -0.18 -10.57
C THR B 471 15.07 -1.66 -10.53
N LEU B 472 16.31 -1.95 -10.93
CA LEU B 472 16.81 -3.32 -10.94
C LEU B 472 16.68 -3.95 -9.56
N GLU B 473 17.05 -3.21 -8.54
CA GLU B 473 17.03 -3.75 -7.21
C GLU B 473 15.58 -3.97 -6.70
N GLY B 474 14.67 -3.09 -7.12
CA GLY B 474 13.26 -3.25 -6.81
C GLY B 474 12.66 -4.48 -7.47
N VAL B 475 13.00 -4.67 -8.74
CA VAL B 475 12.57 -5.86 -9.44
C VAL B 475 13.13 -7.14 -8.81
N ARG B 476 14.39 -7.11 -8.38
CA ARG B 476 14.99 -8.27 -7.75
C ARG B 476 14.25 -8.65 -6.49
N VAL B 477 14.04 -7.66 -5.63
CA VAL B 477 13.45 -7.90 -4.31
C VAL B 477 12.00 -8.34 -4.44
N THR B 478 11.22 -7.66 -5.28
CA THR B 478 9.84 -8.07 -5.54
C THR B 478 9.78 -9.48 -6.15
N THR B 479 10.71 -9.77 -7.06
CA THR B 479 10.74 -11.09 -7.72
C THR B 479 11.08 -12.18 -6.69
N LEU B 480 12.01 -11.88 -5.80
CA LEU B 480 12.39 -12.82 -4.78
C LEU B 480 11.17 -13.21 -3.94
N LEU B 481 10.40 -12.21 -3.52
CA LEU B 481 9.23 -12.44 -2.68
C LEU B 481 8.06 -13.06 -3.44
N LEU B 482 8.03 -12.90 -4.77
CA LEU B 482 7.06 -13.60 -5.59
C LEU B 482 7.50 -14.98 -6.02
N SER B 483 8.76 -15.34 -5.77
CA SER B 483 9.24 -16.62 -6.29
C SER B 483 8.47 -17.88 -5.81
N PRO B 484 7.87 -17.85 -4.60
CA PRO B 484 7.00 -18.97 -4.22
C PRO B 484 5.70 -19.04 -5.02
N ILE B 485 5.29 -17.90 -5.60
CA ILE B 485 4.04 -17.80 -6.35
C ILE B 485 4.31 -18.14 -7.81
N LEU B 486 5.43 -17.63 -8.33
CA LEU B 486 5.83 -17.80 -9.72
C LEU B 486 7.21 -18.45 -9.79
N PRO B 487 7.31 -19.71 -9.34
CA PRO B 487 8.62 -20.35 -9.23
C PRO B 487 9.42 -20.52 -10.53
N ARG B 488 8.78 -20.63 -11.69
CA ARG B 488 9.55 -20.76 -12.94
C ARG B 488 9.87 -19.40 -13.56
N LYS B 489 8.89 -18.52 -13.59
CA LYS B 489 9.09 -17.19 -14.18
C LYS B 489 10.07 -16.37 -13.36
N SER B 490 10.13 -16.60 -12.04
CA SER B 490 11.09 -15.87 -11.22
C SER B 490 12.52 -16.24 -11.63
N VAL B 491 12.75 -17.50 -12.00
CA VAL B 491 14.06 -17.92 -12.43
C VAL B 491 14.40 -17.21 -13.74
N VAL B 492 13.41 -17.07 -14.62
CA VAL B 492 13.62 -16.40 -15.90
C VAL B 492 13.99 -14.93 -15.65
N ILE B 493 13.24 -14.29 -14.76
CA ILE B 493 13.51 -12.90 -14.41
C ILE B 493 14.90 -12.78 -13.84
N PHE B 494 15.25 -13.63 -12.87
CA PHE B 494 16.58 -13.55 -12.27
C PHE B 494 17.67 -13.78 -13.33
N ASP B 495 17.45 -14.72 -14.25
CA ASP B 495 18.41 -14.93 -15.33
C ASP B 495 18.58 -13.63 -16.15
N MET B 496 17.46 -12.99 -16.51
CA MET B 496 17.50 -11.73 -17.27
C MET B 496 18.32 -10.65 -16.57
N LEU B 497 18.18 -10.55 -15.26
CA LEU B 497 18.87 -9.54 -14.45
C LEU B 497 20.32 -9.92 -14.16
N GLY B 498 20.67 -11.17 -14.45
CA GLY B 498 21.99 -11.68 -14.10
C GLY B 498 22.22 -11.81 -12.60
N VAL B 499 21.15 -12.01 -11.83
CA VAL B 499 21.29 -12.21 -10.39
C VAL B 499 21.96 -13.55 -10.14
N PRO B 500 23.14 -13.55 -9.49
CA PRO B 500 23.81 -14.80 -9.18
C PRO B 500 22.95 -15.72 -8.32
N GLU B 501 23.09 -17.03 -8.52
CA GLU B 501 22.34 -18.04 -7.75
C GLU B 501 22.27 -17.75 -6.27
N VAL B 502 23.43 -17.48 -5.69
CA VAL B 502 23.57 -17.30 -4.26
C VAL B 502 22.69 -16.16 -3.73
N HIS B 503 22.35 -15.20 -4.58
CA HIS B 503 21.50 -14.07 -4.20
C HIS B 503 20.01 -14.26 -4.50
N ARG B 504 19.62 -15.48 -4.86
CA ARG B 504 18.23 -15.78 -5.26
C ARG B 504 17.45 -16.45 -4.16
N LYS B 505 18.13 -16.84 -3.08
CA LYS B 505 17.47 -17.31 -1.87
C LYS B 505 18.18 -16.77 -0.61
N GLY B 506 17.54 -16.89 0.56
CA GLY B 506 18.16 -16.51 1.83
C GLY B 506 17.67 -15.17 2.33
N ILE B 507 17.22 -15.14 3.58
CA ILE B 507 16.70 -13.93 4.22
C ILE B 507 17.66 -12.76 4.13
N GLU B 508 18.97 -13.03 4.18
CA GLU B 508 19.98 -11.99 4.03
C GLU B 508 19.92 -11.27 2.67
N ASN B 509 19.33 -11.91 1.66
CA ASN B 509 19.17 -11.30 0.34
C ASN B 509 17.84 -10.57 0.12
N PHE B 510 16.97 -10.58 1.13
CA PHE B 510 15.78 -9.74 1.13
C PHE B 510 16.15 -8.25 1.18
N GLU B 511 17.35 -7.97 1.67
CA GLU B 511 17.79 -6.59 1.88
C GLU B 511 18.17 -5.85 0.59
N PHE B 512 17.75 -4.59 0.53
CA PHE B 512 18.11 -3.68 -0.53
C PHE B 512 19.63 -3.63 -0.63
N GLY B 513 20.15 -3.80 -1.85
CA GLY B 513 21.58 -3.67 -2.13
C GLY B 513 22.38 -4.95 -2.11
N ALA B 514 21.73 -6.11 -2.15
CA ALA B 514 22.46 -7.37 -2.07
C ALA B 514 23.29 -7.67 -3.32
N VAL B 515 22.93 -7.08 -4.46
CA VAL B 515 23.63 -7.34 -5.70
C VAL B 515 24.46 -6.13 -6.08
N PRO B 516 25.80 -6.28 -6.13
CA PRO B 516 26.67 -5.15 -6.33
C PRO B 516 26.66 -4.62 -7.76
N PRO B 517 26.81 -3.29 -7.90
CA PRO B 517 27.07 -2.67 -9.19
C PRO B 517 28.20 -3.38 -9.93
N GLY B 518 28.10 -3.40 -11.26
CA GLY B 518 29.07 -4.11 -12.09
C GLY B 518 28.59 -5.50 -12.46
N THR B 519 27.60 -6.03 -11.75
CA THR B 519 26.99 -7.29 -12.14
C THR B 519 26.43 -7.18 -13.55
N ARG B 520 26.77 -8.15 -14.40
CA ARG B 520 26.31 -8.16 -15.79
C ARG B 520 24.95 -8.81 -15.91
N LEU B 521 24.11 -8.26 -16.78
CA LEU B 521 22.81 -8.84 -17.08
C LEU B 521 22.97 -10.16 -17.82
N GLY B 522 21.90 -10.96 -17.85
CA GLY B 522 21.86 -12.14 -18.70
C GLY B 522 21.75 -11.80 -20.17
N PRO B 523 22.05 -12.78 -21.05
CA PRO B 523 22.02 -12.49 -22.48
C PRO B 523 20.60 -12.22 -22.94
N ALA B 524 20.43 -11.32 -23.88
CA ALA B 524 19.12 -11.00 -24.44
C ALA B 524 18.81 -12.00 -25.54
N VAL B 525 17.69 -12.70 -25.41
CA VAL B 525 17.23 -13.62 -26.46
C VAL B 525 16.37 -12.83 -27.45
N GLU B 526 16.64 -12.99 -28.75
CA GLU B 526 15.96 -12.21 -29.79
C GLU B 526 14.44 -12.41 -29.73
N GLY B 527 13.76 -11.45 -29.10
CA GLY B 527 12.31 -11.49 -28.99
C GLY B 527 11.81 -12.42 -27.90
N GLU B 528 12.44 -12.36 -26.72
CA GLU B 528 11.94 -13.05 -25.54
C GLU B 528 10.78 -12.25 -24.98
N VAL B 529 9.85 -12.93 -24.33
CA VAL B 529 8.68 -12.29 -23.74
C VAL B 529 8.27 -13.05 -22.49
N LEU B 530 8.26 -12.36 -21.35
CA LEU B 530 8.03 -13.00 -20.06
C LEU B 530 6.60 -13.53 -19.93
N PHE B 531 5.63 -12.67 -20.21
CA PHE B 531 4.22 -13.05 -20.21
C PHE B 531 3.54 -12.49 -21.45
N SER B 532 2.95 -13.37 -22.25
CA SER B 532 2.29 -12.96 -23.47
C SER B 532 0.89 -12.50 -23.17
N LYS B 533 0.52 -11.33 -23.66
CA LYS B 533 -0.85 -10.85 -23.53
C LYS B 533 -1.72 -11.68 -24.46
N ARG B 534 -2.96 -11.94 -24.06
CA ARG B 534 -3.86 -12.78 -24.83
C ARG B 534 -5.16 -12.08 -25.19
N SER B 535 -5.85 -12.60 -26.19
CA SER B 535 -7.01 -11.92 -26.79
C SER B 535 -8.09 -11.58 -25.77
N THR B 536 -8.58 -10.35 -25.87
CA THR B 536 -9.70 -9.87 -25.05
C THR B 536 -11.00 -10.67 -25.28
#